data_2AYD
# 
_entry.id   2AYD 
# 
_audit_conform.dict_name       mmcif_pdbx.dic 
_audit_conform.dict_version    5.388 
_audit_conform.dict_location   http://mmcif.pdb.org/dictionaries/ascii/mmcif_pdbx.dic 
# 
loop_
_database_2.database_id 
_database_2.database_code 
_database_2.pdbx_database_accession 
_database_2.pdbx_DOI 
PDB   2AYD         pdb_00002ayd 10.2210/pdb2ayd/pdb 
RCSB  RCSB034451   ?            ?                   
WWPDB D_1000034451 ?            ?                   
# 
loop_
_pdbx_audit_revision_history.ordinal 
_pdbx_audit_revision_history.data_content_type 
_pdbx_audit_revision_history.major_revision 
_pdbx_audit_revision_history.minor_revision 
_pdbx_audit_revision_history.revision_date 
1 'Structure model' 1 0 2006-10-31 
2 'Structure model' 1 1 2008-05-01 
3 'Structure model' 1 2 2011-07-13 
4 'Structure model' 1 3 2017-10-11 
5 'Structure model' 1 4 2024-03-13 
# 
_pdbx_audit_revision_details.ordinal             1 
_pdbx_audit_revision_details.revision_ordinal    1 
_pdbx_audit_revision_details.data_content_type   'Structure model' 
_pdbx_audit_revision_details.provider            repository 
_pdbx_audit_revision_details.type                'Initial release' 
_pdbx_audit_revision_details.description         ? 
_pdbx_audit_revision_details.details             ? 
# 
loop_
_pdbx_audit_revision_group.ordinal 
_pdbx_audit_revision_group.revision_ordinal 
_pdbx_audit_revision_group.data_content_type 
_pdbx_audit_revision_group.group 
1 2 'Structure model' 'Version format compliance' 
2 3 'Structure model' 'Version format compliance' 
3 4 'Structure model' 'Refinement description'    
4 5 'Structure model' 'Data collection'           
5 5 'Structure model' 'Database references'       
6 5 'Structure model' 'Derived calculations'      
# 
loop_
_pdbx_audit_revision_category.ordinal 
_pdbx_audit_revision_category.revision_ordinal 
_pdbx_audit_revision_category.data_content_type 
_pdbx_audit_revision_category.category 
1 4 'Structure model' software               
2 5 'Structure model' chem_comp_atom         
3 5 'Structure model' chem_comp_bond         
4 5 'Structure model' database_2             
5 5 'Structure model' pdbx_struct_conn_angle 
6 5 'Structure model' struct_conn            
7 5 'Structure model' struct_site            
# 
loop_
_pdbx_audit_revision_item.ordinal 
_pdbx_audit_revision_item.revision_ordinal 
_pdbx_audit_revision_item.data_content_type 
_pdbx_audit_revision_item.item 
1  4 'Structure model' '_software.classification'                    
2  4 'Structure model' '_software.contact_author'                    
3  4 'Structure model' '_software.contact_author_email'              
4  4 'Structure model' '_software.date'                              
5  4 'Structure model' '_software.language'                          
6  4 'Structure model' '_software.location'                          
7  4 'Structure model' '_software.name'                              
8  4 'Structure model' '_software.type'                              
9  4 'Structure model' '_software.version'                           
10 5 'Structure model' '_database_2.pdbx_DOI'                        
11 5 'Structure model' '_database_2.pdbx_database_accession'         
12 5 'Structure model' '_pdbx_struct_conn_angle.ptnr1_auth_comp_id'  
13 5 'Structure model' '_pdbx_struct_conn_angle.ptnr1_auth_seq_id'   
14 5 'Structure model' '_pdbx_struct_conn_angle.ptnr1_label_atom_id' 
15 5 'Structure model' '_pdbx_struct_conn_angle.ptnr1_label_comp_id' 
16 5 'Structure model' '_pdbx_struct_conn_angle.ptnr1_label_seq_id'  
17 5 'Structure model' '_pdbx_struct_conn_angle.ptnr3_auth_comp_id'  
18 5 'Structure model' '_pdbx_struct_conn_angle.ptnr3_auth_seq_id'   
19 5 'Structure model' '_pdbx_struct_conn_angle.ptnr3_label_atom_id' 
20 5 'Structure model' '_pdbx_struct_conn_angle.ptnr3_label_comp_id' 
21 5 'Structure model' '_pdbx_struct_conn_angle.ptnr3_label_seq_id'  
22 5 'Structure model' '_pdbx_struct_conn_angle.value'               
23 5 'Structure model' '_struct_conn.pdbx_dist_value'                
24 5 'Structure model' '_struct_conn.ptnr1_auth_comp_id'             
25 5 'Structure model' '_struct_conn.ptnr1_auth_seq_id'              
26 5 'Structure model' '_struct_conn.ptnr1_label_asym_id'            
27 5 'Structure model' '_struct_conn.ptnr1_label_atom_id'            
28 5 'Structure model' '_struct_conn.ptnr1_label_comp_id'            
29 5 'Structure model' '_struct_conn.ptnr1_label_seq_id'             
30 5 'Structure model' '_struct_conn.ptnr2_auth_comp_id'             
31 5 'Structure model' '_struct_conn.ptnr2_auth_seq_id'              
32 5 'Structure model' '_struct_conn.ptnr2_label_asym_id'            
33 5 'Structure model' '_struct_conn.ptnr2_label_atom_id'            
34 5 'Structure model' '_struct_conn.ptnr2_label_comp_id'            
35 5 'Structure model' '_struct_conn.ptnr2_label_seq_id'             
36 5 'Structure model' '_struct_site.pdbx_auth_asym_id'              
37 5 'Structure model' '_struct_site.pdbx_auth_comp_id'              
38 5 'Structure model' '_struct_site.pdbx_auth_seq_id'               
# 
_pdbx_database_status.entry_id                        2AYD 
_pdbx_database_status.deposit_site                    RCSB 
_pdbx_database_status.process_site                    PDBJ 
_pdbx_database_status.recvd_initial_deposition_date   2005-09-07 
_pdbx_database_status.status_code                     REL 
_pdbx_database_status.status_code_sf                  REL 
_pdbx_database_status.status_code_mr                  ? 
_pdbx_database_status.SG_entry                        ? 
_pdbx_database_status.pdb_format_compatible           Y 
_pdbx_database_status.status_code_cs                  ? 
_pdbx_database_status.methods_development_category    ? 
_pdbx_database_status.status_code_nmr_data            ? 
# 
loop_
_audit_author.name 
_audit_author.pdbx_ordinal 
'Duan, M.R.' 1 
'Nan, J.'    2 
'Li, Y.'     3 
'Su, X.D.'   4 
# 
_citation.id                        primary 
_citation.title                     
'DNA binding mechanism revealed by high resolution crystal structure of Arabidopsis thaliana WRKY1 protein.' 
_citation.journal_abbrev            'Nucleic Acids Res.' 
_citation.journal_volume            35 
_citation.page_first                1145 
_citation.page_last                 1154 
_citation.year                      2007 
_citation.journal_id_ASTM           NARHAD 
_citation.country                   UK 
_citation.journal_id_ISSN           0305-1048 
_citation.journal_id_CSD            0389 
_citation.book_publisher            ? 
_citation.pdbx_database_id_PubMed   17264121 
_citation.pdbx_database_id_DOI      10.1093/nar/gkm001 
# 
loop_
_citation_author.citation_id 
_citation_author.name 
_citation_author.ordinal 
_citation_author.identifier_ORCID 
primary 'Duan, M.R.'  1  ? 
primary 'Nan, J.'     2  ? 
primary 'Liang, Y.H.' 3  ? 
primary 'Mao, P.'     4  ? 
primary 'Lu, L.'      5  ? 
primary 'Li, L.'      6  ? 
primary 'Wei, C.'     7  ? 
primary 'Lai, L.'     8  ? 
primary 'Li, Y.'      9  ? 
primary 'Su, X.D.'    10 ? 
# 
loop_
_entity.id 
_entity.type 
_entity.src_method 
_entity.pdbx_description 
_entity.formula_weight 
_entity.pdbx_number_of_molecules 
_entity.pdbx_ec 
_entity.pdbx_mutation 
_entity.pdbx_fragment 
_entity.details 
1 polymer     man 'WRKY transcription factor 1' 8810.977 1  ? ? 'C-TERMINAL DOMAIN' ? 
2 non-polymer syn 'ZINC ION'                    65.409   1  ? ? ?                   ? 
3 non-polymer syn 'SUCCINIC ACID'               118.088  1  ? ? ?                   ? 
4 water       nat water                         18.015   99 ? ? ?                   ? 
# 
_entity_name_com.entity_id   1 
_entity_name_com.name        'WRKY DNA-binding protein 1, Zinc-dependent activator protein 1, Transcription factor ZAP1' 
# 
_entity_poly.entity_id                      1 
_entity_poly.type                           'polypeptide(L)' 
_entity_poly.nstd_linkage                   no 
_entity_poly.nstd_monomer                   no 
_entity_poly.pdbx_seq_one_letter_code       SRIVVHTQTLFDIVNDGYRWRKYGQKSVKGSPYPRSYYRCSSPGCPVKKHVERSSHDTKLLITTYEGKHDHDMPPG 
_entity_poly.pdbx_seq_one_letter_code_can   SRIVVHTQTLFDIVNDGYRWRKYGQKSVKGSPYPRSYYRCSSPGCPVKKHVERSSHDTKLLITTYEGKHDHDMPPG 
_entity_poly.pdbx_strand_id                 A 
_entity_poly.pdbx_target_identifier         ? 
# 
loop_
_pdbx_entity_nonpoly.entity_id 
_pdbx_entity_nonpoly.name 
_pdbx_entity_nonpoly.comp_id 
2 'ZINC ION'      ZN  
3 'SUCCINIC ACID' SIN 
4 water           HOH 
# 
loop_
_entity_poly_seq.entity_id 
_entity_poly_seq.num 
_entity_poly_seq.mon_id 
_entity_poly_seq.hetero 
1 1  SER n 
1 2  ARG n 
1 3  ILE n 
1 4  VAL n 
1 5  VAL n 
1 6  HIS n 
1 7  THR n 
1 8  GLN n 
1 9  THR n 
1 10 LEU n 
1 11 PHE n 
1 12 ASP n 
1 13 ILE n 
1 14 VAL n 
1 15 ASN n 
1 16 ASP n 
1 17 GLY n 
1 18 TYR n 
1 19 ARG n 
1 20 TRP n 
1 21 ARG n 
1 22 LYS n 
1 23 TYR n 
1 24 GLY n 
1 25 GLN n 
1 26 LYS n 
1 27 SER n 
1 28 VAL n 
1 29 LYS n 
1 30 GLY n 
1 31 SER n 
1 32 PRO n 
1 33 TYR n 
1 34 PRO n 
1 35 ARG n 
1 36 SER n 
1 37 TYR n 
1 38 TYR n 
1 39 ARG n 
1 40 CYS n 
1 41 SER n 
1 42 SER n 
1 43 PRO n 
1 44 GLY n 
1 45 CYS n 
1 46 PRO n 
1 47 VAL n 
1 48 LYS n 
1 49 LYS n 
1 50 HIS n 
1 51 VAL n 
1 52 GLU n 
1 53 ARG n 
1 54 SER n 
1 55 SER n 
1 56 HIS n 
1 57 ASP n 
1 58 THR n 
1 59 LYS n 
1 60 LEU n 
1 61 LEU n 
1 62 ILE n 
1 63 THR n 
1 64 THR n 
1 65 TYR n 
1 66 GLU n 
1 67 GLY n 
1 68 LYS n 
1 69 HIS n 
1 70 ASP n 
1 71 HIS n 
1 72 ASP n 
1 73 MET n 
1 74 PRO n 
1 75 PRO n 
1 76 GLY n 
# 
_entity_src_gen.entity_id                          1 
_entity_src_gen.pdbx_src_id                        1 
_entity_src_gen.pdbx_alt_source_flag               sample 
_entity_src_gen.pdbx_seq_type                      ? 
_entity_src_gen.pdbx_beg_seq_num                   ? 
_entity_src_gen.pdbx_end_seq_num                   ? 
_entity_src_gen.gene_src_common_name               'thale cress' 
_entity_src_gen.gene_src_genus                     Arabidopsis 
_entity_src_gen.pdbx_gene_src_gene                 WRKY1 
_entity_src_gen.gene_src_species                   ? 
_entity_src_gen.gene_src_strain                    ? 
_entity_src_gen.gene_src_tissue                    ? 
_entity_src_gen.gene_src_tissue_fraction           ? 
_entity_src_gen.gene_src_details                   ? 
_entity_src_gen.pdbx_gene_src_fragment             ? 
_entity_src_gen.pdbx_gene_src_scientific_name      'Arabidopsis thaliana' 
_entity_src_gen.pdbx_gene_src_ncbi_taxonomy_id     3702 
_entity_src_gen.pdbx_gene_src_variant              ? 
_entity_src_gen.pdbx_gene_src_cell_line            ? 
_entity_src_gen.pdbx_gene_src_atcc                 ? 
_entity_src_gen.pdbx_gene_src_organ                ? 
_entity_src_gen.pdbx_gene_src_organelle            ? 
_entity_src_gen.pdbx_gene_src_cell                 ? 
_entity_src_gen.pdbx_gene_src_cellular_location    ? 
_entity_src_gen.host_org_common_name               ? 
_entity_src_gen.pdbx_host_org_scientific_name      'Escherichia coli' 
_entity_src_gen.pdbx_host_org_ncbi_taxonomy_id     562 
_entity_src_gen.host_org_genus                     Escherichia 
_entity_src_gen.pdbx_host_org_gene                 ? 
_entity_src_gen.pdbx_host_org_organ                ? 
_entity_src_gen.host_org_species                   ? 
_entity_src_gen.pdbx_host_org_tissue               ? 
_entity_src_gen.pdbx_host_org_tissue_fraction      ? 
_entity_src_gen.pdbx_host_org_strain               Rosetta 
_entity_src_gen.pdbx_host_org_variant              ? 
_entity_src_gen.pdbx_host_org_cell_line            ? 
_entity_src_gen.pdbx_host_org_atcc                 ? 
_entity_src_gen.pdbx_host_org_culture_collection   ? 
_entity_src_gen.pdbx_host_org_cell                 ? 
_entity_src_gen.pdbx_host_org_organelle            ? 
_entity_src_gen.pdbx_host_org_cellular_location    ? 
_entity_src_gen.pdbx_host_org_vector_type          plasmid 
_entity_src_gen.pdbx_host_org_vector               ? 
_entity_src_gen.host_org_details                   ? 
_entity_src_gen.expression_system_id               ? 
_entity_src_gen.plasmid_name                       pET21aDEST 
_entity_src_gen.plasmid_details                    ? 
_entity_src_gen.pdbx_description                   ? 
# 
loop_
_chem_comp.id 
_chem_comp.type 
_chem_comp.mon_nstd_flag 
_chem_comp.name 
_chem_comp.pdbx_synonyms 
_chem_comp.formula 
_chem_comp.formula_weight 
ARG 'L-peptide linking' y ARGININE        ? 'C6 H15 N4 O2 1' 175.209 
ASN 'L-peptide linking' y ASPARAGINE      ? 'C4 H8 N2 O3'    132.118 
ASP 'L-peptide linking' y 'ASPARTIC ACID' ? 'C4 H7 N O4'     133.103 
CYS 'L-peptide linking' y CYSTEINE        ? 'C3 H7 N O2 S'   121.158 
GLN 'L-peptide linking' y GLUTAMINE       ? 'C5 H10 N2 O3'   146.144 
GLU 'L-peptide linking' y 'GLUTAMIC ACID' ? 'C5 H9 N O4'     147.129 
GLY 'peptide linking'   y GLYCINE         ? 'C2 H5 N O2'     75.067  
HIS 'L-peptide linking' y HISTIDINE       ? 'C6 H10 N3 O2 1' 156.162 
HOH non-polymer         . WATER           ? 'H2 O'           18.015  
ILE 'L-peptide linking' y ISOLEUCINE      ? 'C6 H13 N O2'    131.173 
LEU 'L-peptide linking' y LEUCINE         ? 'C6 H13 N O2'    131.173 
LYS 'L-peptide linking' y LYSINE          ? 'C6 H15 N2 O2 1' 147.195 
MET 'L-peptide linking' y METHIONINE      ? 'C5 H11 N O2 S'  149.211 
PHE 'L-peptide linking' y PHENYLALANINE   ? 'C9 H11 N O2'    165.189 
PRO 'L-peptide linking' y PROLINE         ? 'C5 H9 N O2'     115.130 
SER 'L-peptide linking' y SERINE          ? 'C3 H7 N O3'     105.093 
SIN non-polymer         . 'SUCCINIC ACID' ? 'C4 H6 O4'       118.088 
THR 'L-peptide linking' y THREONINE       ? 'C4 H9 N O3'     119.119 
TRP 'L-peptide linking' y TRYPTOPHAN      ? 'C11 H12 N2 O2'  204.225 
TYR 'L-peptide linking' y TYROSINE        ? 'C9 H11 N O3'    181.189 
VAL 'L-peptide linking' y VALINE          ? 'C5 H11 N O2'    117.146 
ZN  non-polymer         . 'ZINC ION'      ? 'Zn 2'           65.409  
# 
loop_
_pdbx_poly_seq_scheme.asym_id 
_pdbx_poly_seq_scheme.entity_id 
_pdbx_poly_seq_scheme.seq_id 
_pdbx_poly_seq_scheme.mon_id 
_pdbx_poly_seq_scheme.ndb_seq_num 
_pdbx_poly_seq_scheme.pdb_seq_num 
_pdbx_poly_seq_scheme.auth_seq_num 
_pdbx_poly_seq_scheme.pdb_mon_id 
_pdbx_poly_seq_scheme.auth_mon_id 
_pdbx_poly_seq_scheme.pdb_strand_id 
_pdbx_poly_seq_scheme.pdb_ins_code 
_pdbx_poly_seq_scheme.hetero 
A 1 1  SER 1  293 293 SER SER A . n 
A 1 2  ARG 2  294 294 ARG ARG A . n 
A 1 3  ILE 3  295 295 ILE ILE A . n 
A 1 4  VAL 4  296 296 VAL VAL A . n 
A 1 5  VAL 5  297 297 VAL VAL A . n 
A 1 6  HIS 6  298 298 HIS HIS A . n 
A 1 7  THR 7  299 299 THR THR A . n 
A 1 8  GLN 8  300 300 GLN GLN A . n 
A 1 9  THR 9  301 301 THR THR A . n 
A 1 10 LEU 10 302 302 LEU LEU A . n 
A 1 11 PHE 11 303 303 PHE PHE A . n 
A 1 12 ASP 12 304 304 ASP ASP A . n 
A 1 13 ILE 13 305 305 ILE ILE A . n 
A 1 14 VAL 14 306 306 VAL VAL A . n 
A 1 15 ASN 15 307 307 ASN ASN A . n 
A 1 16 ASP 16 308 308 ASP ASP A . n 
A 1 17 GLY 17 309 309 GLY GLY A . n 
A 1 18 TYR 18 310 310 TYR TYR A . n 
A 1 19 ARG 19 311 311 ARG ARG A . n 
A 1 20 TRP 20 312 312 TRP TRP A . n 
A 1 21 ARG 21 313 313 ARG ARG A . n 
A 1 22 LYS 22 314 314 LYS LYS A . n 
A 1 23 TYR 23 315 315 TYR TYR A . n 
A 1 24 GLY 24 316 316 GLY GLY A . n 
A 1 25 GLN 25 317 317 GLN GLN A . n 
A 1 26 LYS 26 318 318 LYS LYS A . n 
A 1 27 SER 27 319 319 SER SER A . n 
A 1 28 VAL 28 320 320 VAL VAL A . n 
A 1 29 LYS 29 321 321 LYS LYS A . n 
A 1 30 GLY 30 322 322 GLY GLY A . n 
A 1 31 SER 31 323 323 SER SER A . n 
A 1 32 PRO 32 324 324 PRO PRO A . n 
A 1 33 TYR 33 325 325 TYR TYR A . n 
A 1 34 PRO 34 326 326 PRO PRO A . n 
A 1 35 ARG 35 327 327 ARG ARG A . n 
A 1 36 SER 36 328 328 SER SER A . n 
A 1 37 TYR 37 329 329 TYR TYR A . n 
A 1 38 TYR 38 330 330 TYR TYR A . n 
A 1 39 ARG 39 331 331 ARG ARG A . n 
A 1 40 CYS 40 332 332 CYS CYS A . n 
A 1 41 SER 41 333 333 SER SER A . n 
A 1 42 SER 42 334 334 SER SER A . n 
A 1 43 PRO 43 335 335 PRO PRO A . n 
A 1 44 GLY 44 336 336 GLY GLY A . n 
A 1 45 CYS 45 337 337 CYS CYS A . n 
A 1 46 PRO 46 338 338 PRO PRO A . n 
A 1 47 VAL 47 339 339 VAL VAL A . n 
A 1 48 LYS 48 340 340 LYS LYS A . n 
A 1 49 LYS 49 341 341 LYS LYS A . n 
A 1 50 HIS 50 342 342 HIS HIS A . n 
A 1 51 VAL 51 343 343 VAL VAL A . n 
A 1 52 GLU 52 344 344 GLU GLU A . n 
A 1 53 ARG 53 345 345 ARG ARG A . n 
A 1 54 SER 54 346 346 SER SER A . n 
A 1 55 SER 55 347 347 SER SER A . n 
A 1 56 HIS 56 348 348 HIS HIS A . n 
A 1 57 ASP 57 349 349 ASP ASP A . n 
A 1 58 THR 58 350 350 THR THR A . n 
A 1 59 LYS 59 351 351 LYS LYS A . n 
A 1 60 LEU 60 352 352 LEU LEU A . n 
A 1 61 LEU 61 353 353 LEU LEU A . n 
A 1 62 ILE 62 354 354 ILE ILE A . n 
A 1 63 THR 63 355 355 THR THR A . n 
A 1 64 THR 64 356 356 THR THR A . n 
A 1 65 TYR 65 357 357 TYR TYR A . n 
A 1 66 GLU 66 358 358 GLU GLU A . n 
A 1 67 GLY 67 359 359 GLY GLY A . n 
A 1 68 LYS 68 360 360 LYS LYS A . n 
A 1 69 HIS 69 361 361 HIS HIS A . n 
A 1 70 ASP 70 362 362 ASP ASP A . n 
A 1 71 HIS 71 363 363 HIS HIS A . n 
A 1 72 ASP 72 364 364 ASP ASP A . n 
A 1 73 MET 73 365 365 MET MET A . n 
A 1 74 PRO 74 366 366 PRO PRO A . n 
A 1 75 PRO 75 367 367 PRO PRO A . n 
A 1 76 GLY 76 368 368 GLY GLY A . n 
# 
loop_
_pdbx_nonpoly_scheme.asym_id 
_pdbx_nonpoly_scheme.entity_id 
_pdbx_nonpoly_scheme.mon_id 
_pdbx_nonpoly_scheme.ndb_seq_num 
_pdbx_nonpoly_scheme.pdb_seq_num 
_pdbx_nonpoly_scheme.auth_seq_num 
_pdbx_nonpoly_scheme.pdb_mon_id 
_pdbx_nonpoly_scheme.auth_mon_id 
_pdbx_nonpoly_scheme.pdb_strand_id 
_pdbx_nonpoly_scheme.pdb_ins_code 
B 2 ZN  1  369 369 ZN  ZN  A . 
C 3 SIN 1  401 401 SIN SIN A . 
D 4 HOH 1  601 601 HOH HOH A . 
D 4 HOH 2  602 602 HOH HOH A . 
D 4 HOH 3  603 603 HOH HOH A . 
D 4 HOH 4  604 604 HOH HOH A . 
D 4 HOH 5  605 605 HOH HOH A . 
D 4 HOH 6  606 606 HOH HOH A . 
D 4 HOH 7  607 607 HOH HOH A . 
D 4 HOH 8  608 608 HOH HOH A . 
D 4 HOH 9  609 609 HOH HOH A . 
D 4 HOH 10 610 610 HOH HOH A . 
D 4 HOH 11 611 611 HOH HOH A . 
D 4 HOH 12 612 612 HOH HOH A . 
D 4 HOH 13 613 613 HOH HOH A . 
D 4 HOH 14 614 614 HOH HOH A . 
D 4 HOH 15 615 615 HOH HOH A . 
D 4 HOH 16 616 616 HOH HOH A . 
D 4 HOH 17 617 617 HOH HOH A . 
D 4 HOH 18 618 618 HOH HOH A . 
D 4 HOH 19 619 619 HOH HOH A . 
D 4 HOH 20 620 620 HOH HOH A . 
D 4 HOH 21 621 621 HOH HOH A . 
D 4 HOH 22 622 622 HOH HOH A . 
D 4 HOH 23 623 623 HOH HOH A . 
D 4 HOH 24 624 624 HOH HOH A . 
D 4 HOH 25 625 625 HOH HOH A . 
D 4 HOH 26 626 626 HOH HOH A . 
D 4 HOH 27 627 627 HOH HOH A . 
D 4 HOH 28 628 628 HOH HOH A . 
D 4 HOH 29 629 629 HOH HOH A . 
D 4 HOH 30 630 630 HOH HOH A . 
D 4 HOH 31 631 631 HOH HOH A . 
D 4 HOH 32 632 632 HOH HOH A . 
D 4 HOH 33 633 633 HOH HOH A . 
D 4 HOH 34 634 634 HOH HOH A . 
D 4 HOH 35 635 635 HOH HOH A . 
D 4 HOH 36 636 636 HOH HOH A . 
D 4 HOH 37 637 637 HOH HOH A . 
D 4 HOH 38 638 638 HOH HOH A . 
D 4 HOH 39 639 639 HOH HOH A . 
D 4 HOH 40 640 640 HOH HOH A . 
D 4 HOH 41 641 641 HOH HOH A . 
D 4 HOH 42 642 642 HOH HOH A . 
D 4 HOH 43 643 643 HOH HOH A . 
D 4 HOH 44 644 644 HOH HOH A . 
D 4 HOH 45 645 645 HOH HOH A . 
D 4 HOH 46 646 646 HOH HOH A . 
D 4 HOH 47 647 647 HOH HOH A . 
D 4 HOH 48 648 648 HOH HOH A . 
D 4 HOH 49 649 649 HOH HOH A . 
D 4 HOH 50 650 650 HOH HOH A . 
D 4 HOH 51 651 651 HOH HOH A . 
D 4 HOH 52 652 652 HOH HOH A . 
D 4 HOH 53 653 653 HOH HOH A . 
D 4 HOH 54 654 654 HOH HOH A . 
D 4 HOH 55 655 655 HOH HOH A . 
D 4 HOH 56 656 656 HOH HOH A . 
D 4 HOH 57 657 657 HOH HOH A . 
D 4 HOH 58 658 658 HOH HOH A . 
D 4 HOH 59 659 659 HOH HOH A . 
D 4 HOH 60 660 660 HOH HOH A . 
D 4 HOH 61 661 661 HOH HOH A . 
D 4 HOH 62 662 662 HOH HOH A . 
D 4 HOH 63 663 663 HOH HOH A . 
D 4 HOH 64 664 664 HOH HOH A . 
D 4 HOH 65 665 665 HOH HOH A . 
D 4 HOH 66 666 666 HOH HOH A . 
D 4 HOH 67 667 667 HOH HOH A . 
D 4 HOH 68 668 668 HOH HOH A . 
D 4 HOH 69 669 669 HOH HOH A . 
D 4 HOH 70 670 670 HOH HOH A . 
D 4 HOH 71 671 671 HOH HOH A . 
D 4 HOH 72 672 672 HOH HOH A . 
D 4 HOH 73 673 673 HOH HOH A . 
D 4 HOH 74 674 674 HOH HOH A . 
D 4 HOH 75 675 675 HOH HOH A . 
D 4 HOH 76 676 676 HOH HOH A . 
D 4 HOH 77 677 677 HOH HOH A . 
D 4 HOH 78 678 678 HOH HOH A . 
D 4 HOH 79 679 679 HOH HOH A . 
D 4 HOH 80 680 680 HOH HOH A . 
D 4 HOH 81 681 681 HOH HOH A . 
D 4 HOH 82 682 682 HOH HOH A . 
D 4 HOH 83 683 683 HOH HOH A . 
D 4 HOH 84 684 684 HOH HOH A . 
D 4 HOH 85 685 685 HOH HOH A . 
D 4 HOH 86 686 686 HOH HOH A . 
D 4 HOH 87 687 687 HOH HOH A . 
D 4 HOH 88 688 688 HOH HOH A . 
D 4 HOH 89 689 689 HOH HOH A . 
D 4 HOH 90 690 690 HOH HOH A . 
D 4 HOH 91 691 691 HOH HOH A . 
D 4 HOH 92 692 692 HOH HOH A . 
D 4 HOH 93 693 693 HOH HOH A . 
D 4 HOH 94 695 695 HOH HOH A . 
D 4 HOH 95 696 696 HOH HOH A . 
D 4 HOH 96 697 697 HOH HOH A . 
D 4 HOH 97 698 698 HOH HOH A . 
D 4 HOH 98 699 699 HOH HOH A . 
D 4 HOH 99 700 700 HOH HOH A . 
# 
loop_
_software.name 
_software.version 
_software.date 
_software.type 
_software.contact_author 
_software.contact_author_email 
_software.classification 
_software.location 
_software.language 
_software.citation_id 
_software.pdbx_ordinal 
DENZO       .         ?               package 'Zbyszek Otwinowski' zbyszek@mix.swmed.edu        'data reduction'  
http://www.lnls.br/infra/linhasluz/denzo-hkl.htm ?       ? 1 
SCALEPACK   .         ?               package 'Zbyszek Otwinowski' zbyszek@mix.swmed.edu        'data scaling'    
http://www.lnls.br/infra/linhasluz/denzo-hkl.htm ?       ? 2 
SHELX       .         ?               package 'George Sheldrick'   gsheldr@shelx.uni-ac.gwdg.de phasing           
http://shelx.uni-ac.gwdg.de/SHELX/               Fortran ? 3 
DM          5.0       ?               program 'K. Cowtan'          ccp4@dl.ac.uk                phasing           
http://www.ccp4.ac.uk/main.html                  Fortran ? 4 
REFMAC      .         ?               program 'Murshudov, G.N.'    ccp4@dl.ac.uk                refinement        
http://www.ccp4.ac.uk/main.html                  Fortran ? 5 
PDB_EXTRACT 1.700     'May. 30, 2005' package PDB                  sw-help@rcsb.rutgers.edu     'data extraction' 
http://pdb.rutgers.edu/software/                 C++     ? 6 
MAR345      .         ?               ?       ?                    ?                            'data collection' ? ?       ? 7 
OASIS       'V. 2004' ?               ?       ?                    ?                            phasing           ? ?       ? 8 
# 
_cell.length_a           45.552 
_cell.length_b           45.552 
_cell.length_c           68.962 
_cell.angle_alpha        90.00 
_cell.angle_beta         90.00 
_cell.angle_gamma        120.00 
_cell.entry_id           2AYD 
_cell.pdbx_unique_axis   ? 
_cell.Z_PDB              6 
_cell.length_a_esd       ? 
_cell.length_b_esd       ? 
_cell.length_c_esd       ? 
_cell.angle_alpha_esd    ? 
_cell.angle_beta_esd     ? 
_cell.angle_gamma_esd    ? 
# 
_symmetry.space_group_name_H-M             'P 32 2 1' 
_symmetry.entry_id                         2AYD 
_symmetry.pdbx_full_space_group_name_H-M   ? 
_symmetry.Int_Tables_number                154 
_symmetry.cell_setting                     ? 
_symmetry.space_group_name_Hall            ? 
# 
_exptl.entry_id          2AYD 
_exptl.crystals_number   1 
_exptl.method            'X-RAY DIFFRACTION' 
# 
_exptl_crystal.id                    1 
_exptl_crystal.density_percent_sol   47.49 
_exptl_crystal.density_Matthews      2.34 
_exptl_crystal.density_meas          ? 
_exptl_crystal.description           ? 
_exptl_crystal.F_000                 ? 
_exptl_crystal.preparation           ? 
# 
_exptl_crystal_grow.crystal_id      1 
_exptl_crystal_grow.method          'VAPOR DIFFUSION, HANGING DROP' 
_exptl_crystal_grow.pH              7.0 
_exptl_crystal_grow.temp            277 
_exptl_crystal_grow.pdbx_details    
'succinic acid, Tris HCl, PEG MME 2000, pH 7.0, VAPOR DIFFUSION, HANGING DROP, temperature 277K' 
_exptl_crystal_grow.temp_details    ? 
_exptl_crystal_grow.pdbx_pH_range   . 
# 
_diffrn.id                     1 
_diffrn.ambient_temp           100 
_diffrn.ambient_temp_details   ? 
_diffrn.crystal_id             1 
# 
_diffrn_detector.diffrn_id              1 
_diffrn_detector.detector               CCD 
_diffrn_detector.type                   MARRESEARCH 
_diffrn_detector.pdbx_collection_date   2005-01-01 
_diffrn_detector.details                ? 
# 
_diffrn_radiation.diffrn_id                        1 
_diffrn_radiation.pdbx_diffrn_protocol             'SINGLE WAVELENGTH' 
_diffrn_radiation.wavelength_id                    1 
_diffrn_radiation.monochromator                    ? 
_diffrn_radiation.pdbx_monochromatic_or_laue_m_l   M 
_diffrn_radiation.pdbx_scattering_type             x-ray 
# 
_diffrn_radiation_wavelength.id           1 
_diffrn_radiation_wavelength.wavelength   1.24 
_diffrn_radiation_wavelength.wt           1.0 
# 
_diffrn_source.diffrn_id                   1 
_diffrn_source.source                      SYNCHROTRON 
_diffrn_source.type                        'BSRF BEAMLINE 3W1A' 
_diffrn_source.pdbx_wavelength_list        1.24 
_diffrn_source.pdbx_wavelength             ? 
_diffrn_source.pdbx_synchrotron_site       BSRF 
_diffrn_source.pdbx_synchrotron_beamline   3W1A 
# 
_reflns.entry_id                     2AYD 
_reflns.d_resolution_low             29.00 
_reflns.d_resolution_high            1.60 
_reflns.number_obs                   11069 
_reflns.percent_possible_obs         97.900 
_reflns.pdbx_Rmerge_I_obs            0.091 
_reflns.pdbx_chi_squared             1.433 
_reflns.pdbx_redundancy              ? 
_reflns.pdbx_scaling_rejects         ? 
_reflns.pdbx_netI_over_sigmaI        ? 
_reflns.pdbx_Rsym_value              ? 
_reflns.observed_criterion_sigma_F   0 
_reflns.observed_criterion_sigma_I   0 
_reflns.number_all                   ? 
_reflns.B_iso_Wilson_estimate        ? 
_reflns.R_free_details               ? 
_reflns.limit_h_max                  ? 
_reflns.limit_h_min                  ? 
_reflns.limit_k_max                  ? 
_reflns.limit_k_min                  ? 
_reflns.limit_l_max                  ? 
_reflns.limit_l_min                  ? 
_reflns.observed_criterion_F_max     ? 
_reflns.observed_criterion_F_min     ? 
_reflns.pdbx_diffrn_id               1 
_reflns.pdbx_ordinal                 1 
# 
_reflns_shell.d_res_low              1.66 
_reflns_shell.d_res_high             1.60 
_reflns_shell.number_measured_obs    1043 
_reflns_shell.percent_possible_obs   95.500 
_reflns_shell.Rmerge_I_obs           0.354 
_reflns_shell.pdbx_chi_squared       0.499 
_reflns_shell.pdbx_redundancy        ? 
_reflns_shell.number_unique_obs      ? 
_reflns_shell.meanI_over_sigI_obs    ? 
_reflns_shell.pdbx_Rsym_value        ? 
_reflns_shell.percent_possible_all   95.5 
_reflns_shell.number_unique_all      ? 
_reflns_shell.number_measured_all    ? 
_reflns_shell.pdbx_diffrn_id         ? 
_reflns_shell.pdbx_ordinal           1 
# 
_refine.ls_d_res_high                            1.600 
_refine.ls_d_res_low                             20.000 
_refine.pdbx_ls_sigma_F                          0.00 
_refine.ls_percent_reflns_obs                    98.050 
_refine.ls_number_reflns_obs                     11062 
_refine.pdbx_ls_cross_valid_method               THROUGHOUT 
_refine.pdbx_R_Free_selection_details            RANDOM 
_refine.details                                  'HYDROGENS HAVE BEEN ADDED IN THE RIDING POSITIONS' 
_refine.ls_R_factor_all                          0.18 
_refine.ls_R_factor_R_work                       0.179 
_refine.ls_R_factor_R_free                       0.204 
_refine.ls_percent_reflns_R_free                 4.800 
_refine.ls_number_reflns_R_free                  530 
_refine.B_iso_mean                               17.297 
_refine.aniso_B[1][1]                            0.020 
_refine.aniso_B[2][2]                            0.020 
_refine.aniso_B[3][3]                            -0.030 
_refine.aniso_B[1][2]                            0.010 
_refine.aniso_B[1][3]                            0.000 
_refine.aniso_B[2][3]                            0.000 
_refine.correlation_coeff_Fo_to_Fc               0.959 
_refine.correlation_coeff_Fo_to_Fc_free          0.954 
_refine.pdbx_overall_ESU_R                       0.091 
_refine.pdbx_overall_ESU_R_Free                  0.088 
_refine.overall_SU_ML                            0.050 
_refine.overall_SU_B                             1.413 
_refine.solvent_model_details                    'BABINET MODEL WITH MASK' 
_refine.pdbx_solvent_vdw_probe_radii             1.400 
_refine.pdbx_solvent_ion_probe_radii             0.800 
_refine.pdbx_solvent_shrinkage_radii             0.800 
_refine.pdbx_method_to_determine_struct          SAD 
_refine.pdbx_stereochemistry_target_values       'Engh & Huber' 
_refine.entry_id                                 2AYD 
_refine.pdbx_ls_sigma_I                          ? 
_refine.ls_number_reflns_all                     11281 
_refine.ls_R_factor_obs                          0.18 
_refine.ls_redundancy_reflns_obs                 ? 
_refine.pdbx_data_cutoff_high_absF               ? 
_refine.pdbx_data_cutoff_low_absF                ? 
_refine.ls_number_parameters                     ? 
_refine.ls_number_restraints                     ? 
_refine.ls_R_factor_R_free_error                 ? 
_refine.ls_R_factor_R_free_error_details         ? 
_refine.pdbx_starting_model                      ? 
_refine.pdbx_stereochem_target_val_spec_case     ? 
_refine.solvent_model_param_bsol                 ? 
_refine.solvent_model_param_ksol                 ? 
_refine.occupancy_max                            ? 
_refine.occupancy_min                            ? 
_refine.pdbx_isotropic_thermal_model             ? 
_refine.B_iso_min                                ? 
_refine.B_iso_max                                ? 
_refine.overall_SU_R_Cruickshank_DPI             ? 
_refine.overall_SU_R_free                        ? 
_refine.pdbx_data_cutoff_high_rms_absF           ? 
_refine.ls_wR_factor_R_free                      ? 
_refine.ls_wR_factor_R_work                      ? 
_refine.overall_FOM_free_R_set                   ? 
_refine.overall_FOM_work_R_set                   ? 
_refine.pdbx_refine_id                           'X-RAY DIFFRACTION' 
_refine.pdbx_diffrn_id                           1 
_refine.pdbx_TLS_residual_ADP_flag               ? 
_refine.pdbx_overall_phase_error                 ? 
_refine.pdbx_overall_SU_R_free_Cruickshank_DPI   ? 
_refine.pdbx_overall_SU_R_Blow_DPI               ? 
_refine.pdbx_overall_SU_R_free_Blow_DPI          ? 
# 
_refine_hist.pdbx_refine_id                   'X-RAY DIFFRACTION' 
_refine_hist.cycle_id                         LAST 
_refine_hist.pdbx_number_atoms_protein        619 
_refine_hist.pdbx_number_atoms_nucleic_acid   0 
_refine_hist.pdbx_number_atoms_ligand         9 
_refine_hist.number_atoms_solvent             99 
_refine_hist.number_atoms_total               727 
_refine_hist.d_res_high                       1.600 
_refine_hist.d_res_low                        20.000 
# 
loop_
_refine_ls_restr.type 
_refine_ls_restr.number 
_refine_ls_restr.dev_ideal 
_refine_ls_restr.dev_ideal_target 
_refine_ls_restr.weight 
_refine_ls_restr.pdbx_refine_id 
_refine_ls_restr.pdbx_restraint_function 
r_bond_refined_d         644  0.015 0.021 ? 'X-RAY DIFFRACTION' ? 
r_bond_other_d           555  0.002 0.020 ? 'X-RAY DIFFRACTION' ? 
r_angle_refined_deg      868  1.606 1.945 ? 'X-RAY DIFFRACTION' ? 
r_angle_other_deg        1302 0.865 3.000 ? 'X-RAY DIFFRACTION' ? 
r_dihedral_angle_1_deg   75   6.738 5.000 ? 'X-RAY DIFFRACTION' ? 
r_chiral_restr           87   0.095 0.200 ? 'X-RAY DIFFRACTION' ? 
r_gen_planes_refined     700  0.009 0.020 ? 'X-RAY DIFFRACTION' ? 
r_gen_planes_other       137  0.009 0.020 ? 'X-RAY DIFFRACTION' ? 
r_nbd_refined            99   0.291 0.200 ? 'X-RAY DIFFRACTION' ? 
r_nbd_other              591  0.280 0.200 ? 'X-RAY DIFFRACTION' ? 
r_nbtor_other            398  0.084 0.200 ? 'X-RAY DIFFRACTION' ? 
r_xyhbond_nbd_refined    80   0.210 0.200 ? 'X-RAY DIFFRACTION' ? 
r_metal_ion_refined      1    0.003 0.200 ? 'X-RAY DIFFRACTION' ? 
r_symmetry_vdw_refined   11   0.511 0.200 ? 'X-RAY DIFFRACTION' ? 
r_symmetry_vdw_other     48   0.334 0.200 ? 'X-RAY DIFFRACTION' ? 
r_symmetry_hbond_refined 19   0.146 0.200 ? 'X-RAY DIFFRACTION' ? 
r_mcbond_it              379  1.051 1.500 ? 'X-RAY DIFFRACTION' ? 
r_mcangle_it             619  1.887 2.000 ? 'X-RAY DIFFRACTION' ? 
r_scbond_it              265  2.486 3.000 ? 'X-RAY DIFFRACTION' ? 
r_scangle_it             249  4.014 4.500 ? 'X-RAY DIFFRACTION' ? 
# 
_refine_ls_shell.d_res_high                       1.605 
_refine_ls_shell.d_res_low                        1.646 
_refine_ls_shell.pdbx_total_number_of_bins_used   20 
_refine_ls_shell.percent_reflns_obs               ? 
_refine_ls_shell.number_reflns_R_work             721 
_refine_ls_shell.R_factor_R_work                  0.278 
_refine_ls_shell.R_factor_R_free                  0.339 
_refine_ls_shell.percent_reflns_R_free            ? 
_refine_ls_shell.number_reflns_R_free             32 
_refine_ls_shell.R_factor_R_free_error            ? 
_refine_ls_shell.number_reflns_all                753 
_refine_ls_shell.number_reflns_obs                721 
_refine_ls_shell.redundancy_reflns_obs            ? 
_refine_ls_shell.R_factor_all                     ? 
_refine_ls_shell.pdbx_refine_id                   'X-RAY DIFFRACTION' 
# 
_struct.entry_id                  2AYD 
_struct.title                     
'Crystal Structure of the C-terminal WRKY domainof AtWRKY1, an SA-induced and partially NPR1-dependent transcription factor' 
_struct.pdbx_model_details        ? 
_struct.pdbx_CASP_flag            ? 
_struct.pdbx_model_type_details   ? 
# 
_struct_keywords.entry_id        2AYD 
_struct_keywords.pdbx_keywords   TRANSCRIPTION 
_struct_keywords.text            'beta strands, zinc finger, TRANSCRIPTION' 
# 
loop_
_struct_asym.id 
_struct_asym.pdbx_blank_PDB_chainid_flag 
_struct_asym.pdbx_modified 
_struct_asym.entity_id 
_struct_asym.details 
A N N 1 ? 
B N N 2 ? 
C N N 3 ? 
D N N 4 ? 
# 
_struct_ref.id                         1 
_struct_ref.db_name                    UNP 
_struct_ref.db_code                    WRKY1_ARATH 
_struct_ref.pdbx_db_accession          Q9SI37 
_struct_ref.entity_id                  1 
_struct_ref.pdbx_align_begin           293 
_struct_ref.pdbx_db_isoform            ? 
_struct_ref.pdbx_seq_one_letter_code   ? 
# 
_struct_ref_seq.align_id                      1 
_struct_ref_seq.ref_id                        1 
_struct_ref_seq.pdbx_PDB_id_code              2AYD 
_struct_ref_seq.pdbx_strand_id                A 
_struct_ref_seq.seq_align_beg                 1 
_struct_ref_seq.pdbx_seq_align_beg_ins_code   ? 
_struct_ref_seq.seq_align_end                 76 
_struct_ref_seq.pdbx_seq_align_end_ins_code   ? 
_struct_ref_seq.pdbx_db_accession             Q9SI37 
_struct_ref_seq.db_align_beg                  293 
_struct_ref_seq.pdbx_db_align_beg_ins_code    ? 
_struct_ref_seq.db_align_end                  368 
_struct_ref_seq.pdbx_db_align_end_ins_code    ? 
_struct_ref_seq.pdbx_auth_seq_align_beg       293 
_struct_ref_seq.pdbx_auth_seq_align_end       368 
# 
_pdbx_struct_assembly.id                   1 
_pdbx_struct_assembly.details              author_defined_assembly 
_pdbx_struct_assembly.method_details       ? 
_pdbx_struct_assembly.oligomeric_details   monomeric 
_pdbx_struct_assembly.oligomeric_count     1 
# 
_pdbx_struct_assembly_gen.assembly_id       1 
_pdbx_struct_assembly_gen.oper_expression   1 
_pdbx_struct_assembly_gen.asym_id_list      A,B,C,D 
# 
_pdbx_struct_oper_list.id                   1 
_pdbx_struct_oper_list.type                 'identity operation' 
_pdbx_struct_oper_list.name                 1_555 
_pdbx_struct_oper_list.symmetry_operation   x,y,z 
_pdbx_struct_oper_list.matrix[1][1]         1.0000000000 
_pdbx_struct_oper_list.matrix[1][2]         0.0000000000 
_pdbx_struct_oper_list.matrix[1][3]         0.0000000000 
_pdbx_struct_oper_list.vector[1]            0.0000000000 
_pdbx_struct_oper_list.matrix[2][1]         0.0000000000 
_pdbx_struct_oper_list.matrix[2][2]         1.0000000000 
_pdbx_struct_oper_list.matrix[2][3]         0.0000000000 
_pdbx_struct_oper_list.vector[2]            0.0000000000 
_pdbx_struct_oper_list.matrix[3][1]         0.0000000000 
_pdbx_struct_oper_list.matrix[3][2]         0.0000000000 
_pdbx_struct_oper_list.matrix[3][3]         1.0000000000 
_pdbx_struct_oper_list.vector[3]            0.0000000000 
# 
_struct_biol.id                    1 
_struct_biol.pdbx_parent_biol_id   ? 
_struct_biol.details               ? 
# 
loop_
_struct_conn.id 
_struct_conn.conn_type_id 
_struct_conn.pdbx_leaving_atom_flag 
_struct_conn.pdbx_PDB_id 
_struct_conn.ptnr1_label_asym_id 
_struct_conn.ptnr1_label_comp_id 
_struct_conn.ptnr1_label_seq_id 
_struct_conn.ptnr1_label_atom_id 
_struct_conn.pdbx_ptnr1_label_alt_id 
_struct_conn.pdbx_ptnr1_PDB_ins_code 
_struct_conn.pdbx_ptnr1_standard_comp_id 
_struct_conn.ptnr1_symmetry 
_struct_conn.ptnr2_label_asym_id 
_struct_conn.ptnr2_label_comp_id 
_struct_conn.ptnr2_label_seq_id 
_struct_conn.ptnr2_label_atom_id 
_struct_conn.pdbx_ptnr2_label_alt_id 
_struct_conn.pdbx_ptnr2_PDB_ins_code 
_struct_conn.ptnr1_auth_asym_id 
_struct_conn.ptnr1_auth_comp_id 
_struct_conn.ptnr1_auth_seq_id 
_struct_conn.ptnr2_auth_asym_id 
_struct_conn.ptnr2_auth_comp_id 
_struct_conn.ptnr2_auth_seq_id 
_struct_conn.ptnr2_symmetry 
_struct_conn.pdbx_ptnr3_label_atom_id 
_struct_conn.pdbx_ptnr3_label_seq_id 
_struct_conn.pdbx_ptnr3_label_comp_id 
_struct_conn.pdbx_ptnr3_label_asym_id 
_struct_conn.pdbx_ptnr3_label_alt_id 
_struct_conn.pdbx_ptnr3_PDB_ins_code 
_struct_conn.details 
_struct_conn.pdbx_dist_value 
_struct_conn.pdbx_value_order 
_struct_conn.pdbx_role 
metalc1 metalc ? ? A CYS 40 SG  ? ? ? 1_555 B ZN . ZN ? ? A CYS 332 A ZN 369 1_555 ? ? ? ? ? ? ? 2.283 ? ? 
metalc2 metalc ? ? A CYS 45 SG  ? ? ? 1_555 B ZN . ZN ? ? A CYS 337 A ZN 369 1_555 ? ? ? ? ? ? ? 2.272 ? ? 
metalc3 metalc ? ? A HIS 69 ND1 ? ? ? 1_555 B ZN . ZN ? ? A HIS 361 A ZN 369 1_555 ? ? ? ? ? ? ? 2.057 ? ? 
metalc4 metalc ? ? A HIS 71 NE2 ? ? ? 1_555 B ZN . ZN ? ? A HIS 363 A ZN 369 1_555 ? ? ? ? ? ? ? 2.070 ? ? 
# 
_struct_conn_type.id          metalc 
_struct_conn_type.criteria    ? 
_struct_conn_type.reference   ? 
# 
loop_
_pdbx_struct_conn_angle.id 
_pdbx_struct_conn_angle.ptnr1_label_atom_id 
_pdbx_struct_conn_angle.ptnr1_label_alt_id 
_pdbx_struct_conn_angle.ptnr1_label_asym_id 
_pdbx_struct_conn_angle.ptnr1_label_comp_id 
_pdbx_struct_conn_angle.ptnr1_label_seq_id 
_pdbx_struct_conn_angle.ptnr1_auth_atom_id 
_pdbx_struct_conn_angle.ptnr1_auth_asym_id 
_pdbx_struct_conn_angle.ptnr1_auth_comp_id 
_pdbx_struct_conn_angle.ptnr1_auth_seq_id 
_pdbx_struct_conn_angle.ptnr1_PDB_ins_code 
_pdbx_struct_conn_angle.ptnr1_symmetry 
_pdbx_struct_conn_angle.ptnr2_label_atom_id 
_pdbx_struct_conn_angle.ptnr2_label_alt_id 
_pdbx_struct_conn_angle.ptnr2_label_asym_id 
_pdbx_struct_conn_angle.ptnr2_label_comp_id 
_pdbx_struct_conn_angle.ptnr2_label_seq_id 
_pdbx_struct_conn_angle.ptnr2_auth_atom_id 
_pdbx_struct_conn_angle.ptnr2_auth_asym_id 
_pdbx_struct_conn_angle.ptnr2_auth_comp_id 
_pdbx_struct_conn_angle.ptnr2_auth_seq_id 
_pdbx_struct_conn_angle.ptnr2_PDB_ins_code 
_pdbx_struct_conn_angle.ptnr2_symmetry 
_pdbx_struct_conn_angle.ptnr3_label_atom_id 
_pdbx_struct_conn_angle.ptnr3_label_alt_id 
_pdbx_struct_conn_angle.ptnr3_label_asym_id 
_pdbx_struct_conn_angle.ptnr3_label_comp_id 
_pdbx_struct_conn_angle.ptnr3_label_seq_id 
_pdbx_struct_conn_angle.ptnr3_auth_atom_id 
_pdbx_struct_conn_angle.ptnr3_auth_asym_id 
_pdbx_struct_conn_angle.ptnr3_auth_comp_id 
_pdbx_struct_conn_angle.ptnr3_auth_seq_id 
_pdbx_struct_conn_angle.ptnr3_PDB_ins_code 
_pdbx_struct_conn_angle.ptnr3_symmetry 
_pdbx_struct_conn_angle.value 
_pdbx_struct_conn_angle.value_esd 
1 SG  ? A CYS 40 ? A CYS 332 ? 1_555 ZN ? B ZN . ? A ZN 369 ? 1_555 SG  ? A CYS 45 ? A CYS 337 ? 1_555 118.0 ? 
2 SG  ? A CYS 40 ? A CYS 332 ? 1_555 ZN ? B ZN . ? A ZN 369 ? 1_555 ND1 ? A HIS 69 ? A HIS 361 ? 1_555 113.2 ? 
3 SG  ? A CYS 45 ? A CYS 337 ? 1_555 ZN ? B ZN . ? A ZN 369 ? 1_555 ND1 ? A HIS 69 ? A HIS 361 ? 1_555 107.3 ? 
4 SG  ? A CYS 40 ? A CYS 332 ? 1_555 ZN ? B ZN . ? A ZN 369 ? 1_555 NE2 ? A HIS 71 ? A HIS 363 ? 1_555 104.4 ? 
5 SG  ? A CYS 45 ? A CYS 337 ? 1_555 ZN ? B ZN . ? A ZN 369 ? 1_555 NE2 ? A HIS 71 ? A HIS 363 ? 1_555 108.3 ? 
6 ND1 ? A HIS 69 ? A HIS 361 ? 1_555 ZN ? B ZN . ? A ZN 369 ? 1_555 NE2 ? A HIS 71 ? A HIS 363 ? 1_555 104.7 ? 
# 
_struct_sheet.id               A 
_struct_sheet.type             ? 
_struct_sheet.number_strands   5 
_struct_sheet.details          ? 
# 
loop_
_struct_sheet_order.sheet_id 
_struct_sheet_order.range_id_1 
_struct_sheet_order.range_id_2 
_struct_sheet_order.offset 
_struct_sheet_order.sense 
A 1 2 ? anti-parallel 
A 2 3 ? anti-parallel 
A 3 4 ? anti-parallel 
A 4 5 ? anti-parallel 
# 
loop_
_struct_sheet_range.sheet_id 
_struct_sheet_range.id 
_struct_sheet_range.beg_label_comp_id 
_struct_sheet_range.beg_label_asym_id 
_struct_sheet_range.beg_label_seq_id 
_struct_sheet_range.pdbx_beg_PDB_ins_code 
_struct_sheet_range.end_label_comp_id 
_struct_sheet_range.end_label_asym_id 
_struct_sheet_range.end_label_seq_id 
_struct_sheet_range.pdbx_end_PDB_ins_code 
_struct_sheet_range.beg_auth_comp_id 
_struct_sheet_range.beg_auth_asym_id 
_struct_sheet_range.beg_auth_seq_id 
_struct_sheet_range.end_auth_comp_id 
_struct_sheet_range.end_auth_asym_id 
_struct_sheet_range.end_auth_seq_id 
A 1 ARG A 2  ? GLN A 8  ? ARG A 294 GLN A 300 
A 2 LEU A 60 ? GLU A 66 ? LEU A 352 GLU A 358 
A 3 LYS A 48 ? ARG A 53 ? LYS A 340 ARG A 345 
A 4 ARG A 35 ? CYS A 40 ? ARG A 327 CYS A 332 
A 5 TRP A 20 ? LYS A 26 ? TRP A 312 LYS A 318 
# 
loop_
_pdbx_struct_sheet_hbond.sheet_id 
_pdbx_struct_sheet_hbond.range_id_1 
_pdbx_struct_sheet_hbond.range_id_2 
_pdbx_struct_sheet_hbond.range_1_label_atom_id 
_pdbx_struct_sheet_hbond.range_1_label_comp_id 
_pdbx_struct_sheet_hbond.range_1_label_asym_id 
_pdbx_struct_sheet_hbond.range_1_label_seq_id 
_pdbx_struct_sheet_hbond.range_1_PDB_ins_code 
_pdbx_struct_sheet_hbond.range_1_auth_atom_id 
_pdbx_struct_sheet_hbond.range_1_auth_comp_id 
_pdbx_struct_sheet_hbond.range_1_auth_asym_id 
_pdbx_struct_sheet_hbond.range_1_auth_seq_id 
_pdbx_struct_sheet_hbond.range_2_label_atom_id 
_pdbx_struct_sheet_hbond.range_2_label_comp_id 
_pdbx_struct_sheet_hbond.range_2_label_asym_id 
_pdbx_struct_sheet_hbond.range_2_label_seq_id 
_pdbx_struct_sheet_hbond.range_2_PDB_ins_code 
_pdbx_struct_sheet_hbond.range_2_auth_atom_id 
_pdbx_struct_sheet_hbond.range_2_auth_comp_id 
_pdbx_struct_sheet_hbond.range_2_auth_asym_id 
_pdbx_struct_sheet_hbond.range_2_auth_seq_id 
A 1 2 N ILE A 3  ? N ILE A 295 O TYR A 65 ? O TYR A 357 
A 2 3 O ILE A 62 ? O ILE A 354 N GLU A 52 ? N GLU A 344 
A 3 4 O LYS A 49 ? O LYS A 341 N TYR A 38 ? N TYR A 330 
A 4 5 O ARG A 35 ? O ARG A 327 N LYS A 26 ? N LYS A 318 
# 
loop_
_struct_site.id 
_struct_site.pdbx_evidence_code 
_struct_site.pdbx_auth_asym_id 
_struct_site.pdbx_auth_comp_id 
_struct_site.pdbx_auth_seq_id 
_struct_site.pdbx_auth_ins_code 
_struct_site.pdbx_num_residues 
_struct_site.details 
AC1 Software A ZN  369 ? 4 'BINDING SITE FOR RESIDUE ZN A 369'  
AC2 Software A SIN 401 ? 8 'BINDING SITE FOR RESIDUE SIN A 401' 
# 
loop_
_struct_site_gen.id 
_struct_site_gen.site_id 
_struct_site_gen.pdbx_num_res 
_struct_site_gen.label_comp_id 
_struct_site_gen.label_asym_id 
_struct_site_gen.label_seq_id 
_struct_site_gen.pdbx_auth_ins_code 
_struct_site_gen.auth_comp_id 
_struct_site_gen.auth_asym_id 
_struct_site_gen.auth_seq_id 
_struct_site_gen.label_atom_id 
_struct_site_gen.label_alt_id 
_struct_site_gen.symmetry 
_struct_site_gen.details 
1  AC1 4 CYS A 40 ? CYS A 332 . ? 1_555 ? 
2  AC1 4 CYS A 45 ? CYS A 337 . ? 1_555 ? 
3  AC1 4 HIS A 69 ? HIS A 361 . ? 1_555 ? 
4  AC1 4 HIS A 71 ? HIS A 363 . ? 1_555 ? 
5  AC2 8 ARG A 19 ? ARG A 311 . ? 1_555 ? 
6  AC2 8 ARG A 19 ? ARG A 311 . ? 6_554 ? 
7  AC2 8 SER A 41 ? SER A 333 . ? 1_555 ? 
8  AC2 8 PRO A 75 ? PRO A 367 . ? 6_554 ? 
9  AC2 8 HOH D .  ? HOH A 619 . ? 1_555 ? 
10 AC2 8 HOH D .  ? HOH A 624 . ? 1_555 ? 
11 AC2 8 HOH D .  ? HOH A 668 . ? 1_555 ? 
12 AC2 8 HOH D .  ? HOH A 674 . ? 1_555 ? 
# 
loop_
_pdbx_validate_close_contact.id 
_pdbx_validate_close_contact.PDB_model_num 
_pdbx_validate_close_contact.auth_atom_id_1 
_pdbx_validate_close_contact.auth_asym_id_1 
_pdbx_validate_close_contact.auth_comp_id_1 
_pdbx_validate_close_contact.auth_seq_id_1 
_pdbx_validate_close_contact.PDB_ins_code_1 
_pdbx_validate_close_contact.label_alt_id_1 
_pdbx_validate_close_contact.auth_atom_id_2 
_pdbx_validate_close_contact.auth_asym_id_2 
_pdbx_validate_close_contact.auth_comp_id_2 
_pdbx_validate_close_contact.auth_seq_id_2 
_pdbx_validate_close_contact.PDB_ins_code_2 
_pdbx_validate_close_contact.label_alt_id_2 
_pdbx_validate_close_contact.dist 
1 1 O  A HOH 601 ? ? O A HOH 671 ? ? 1.93 
2 1 C3 A SIN 401 ? ? O A HOH 674 ? ? 1.96 
3 1 O  A HOH 638 ? ? O A HOH 669 ? ? 2.05 
4 1 O1 A SIN 401 ? ? O A HOH 624 ? ? 2.13 
# 
_diffrn_reflns.diffrn_id                   1 
_diffrn_reflns.pdbx_d_res_low              29.00 
_diffrn_reflns.pdbx_d_res_high             1.80 
_diffrn_reflns.number                      14751 
_diffrn_reflns.pdbx_percent_possible_obs   100.000 
_diffrn_reflns.pdbx_Rmerge_I_obs           0.081 
_diffrn_reflns.pdbx_chi_squared            1.048 
_diffrn_reflns.pdbx_redundancy             ? 
_diffrn_reflns.pdbx_rejects                ? 
_diffrn_reflns.pdbx_number_obs             ? 
_diffrn_reflns.av_sigmaI_over_netI         ? 
_diffrn_reflns.pdbx_Rsym_value             ? 
_diffrn_reflns.pdbx_observed_criterion     ? 
# 
loop_
_pdbx_diffrn_reflns_shell.diffrn_id 
_pdbx_diffrn_reflns_shell.d_res_low 
_pdbx_diffrn_reflns_shell.d_res_high 
_pdbx_diffrn_reflns_shell.percent_possible_obs 
_pdbx_diffrn_reflns_shell.Rmerge_I_obs 
_pdbx_diffrn_reflns_shell.chi_squared 
_pdbx_diffrn_reflns_shell.redundancy 
_pdbx_diffrn_reflns_shell.rejects 
_pdbx_diffrn_reflns_shell.number_obs 
_pdbx_diffrn_reflns_shell.Rsym_value 
1 29.00 3.88 99.700  0.061 1.579 ? ? ? ? 
1 3.88  3.08 100.000 0.069 1.442 ? ? ? ? 
1 3.08  2.69 100.000 0.080 1.243 ? ? ? ? 
1 2.69  2.44 100.000 0.090 1.088 ? ? ? ? 
1 2.44  2.27 100.000 0.098 1.005 ? ? ? ? 
1 2.27  2.13 100.000 0.108 0.990 ? ? ? ? 
1 2.13  2.03 100.000 0.120 0.973 ? ? ? ? 
1 2.03  1.94 100.000 0.134 0.833 ? ? ? ? 
1 1.94  1.86 100.000 0.149 0.687 ? ? ? ? 
1 1.86  1.80 100.000 0.177 0.583 ? ? ? ? 
# 
_pdbx_phasing_dm.entry_id   2AYD 
_pdbx_phasing_dm.method     'Solvent flattening  and Histogram matching' 
_pdbx_phasing_dm.reflns     8005 
# 
loop_
_pdbx_phasing_dm_shell.d_res_high 
_pdbx_phasing_dm_shell.d_res_low 
_pdbx_phasing_dm_shell.delta_phi_final 
_pdbx_phasing_dm_shell.delta_phi_initial 
_pdbx_phasing_dm_shell.fom_acentric 
_pdbx_phasing_dm_shell.fom_centric 
_pdbx_phasing_dm_shell.fom 
_pdbx_phasing_dm_shell.reflns_acentric 
_pdbx_phasing_dm_shell.reflns_centric 
_pdbx_phasing_dm_shell.reflns 
4.720 100.000 69.600 ? ? ? 0.619 ? ? 504 
3.700 4.720   62.500 ? ? ? 0.670 ? ? 502 
3.210 3.700   66.600 ? ? ? 0.698 ? ? 507 
2.900 3.210   66.200 ? ? ? 0.654 ? ? 501 
2.680 2.900   61.000 ? ? ? 0.544 ? ? 512 
2.520 2.680   70.400 ? ? ? 0.640 ? ? 506 
2.390 2.520   68.000 ? ? ? 0.660 ? ? 505 
2.280 2.390   66.600 ? ? ? 0.649 ? ? 511 
2.190 2.280   69.900 ? ? ? 0.602 ? ? 507 
2.110 2.190   64.400 ? ? ? 0.607 ? ? 506 
2.040 2.110   70.800 ? ? ? 0.587 ? ? 510 
1.980 2.040   70.800 ? ? ? 0.551 ? ? 513 
1.930 1.980   79.300 ? ? ? 0.559 ? ? 501 
1.880 1.930   79.800 ? ? ? 0.216 ? ? 504 
1.800 1.880   84.400 ? ? ? 0.442 ? ? 916 
# 
_phasing.method   SAD 
# 
loop_
_chem_comp_atom.comp_id 
_chem_comp_atom.atom_id 
_chem_comp_atom.type_symbol 
_chem_comp_atom.pdbx_aromatic_flag 
_chem_comp_atom.pdbx_stereo_config 
_chem_comp_atom.pdbx_ordinal 
ARG N    N  N N 1   
ARG CA   C  N S 2   
ARG C    C  N N 3   
ARG O    O  N N 4   
ARG CB   C  N N 5   
ARG CG   C  N N 6   
ARG CD   C  N N 7   
ARG NE   N  N N 8   
ARG CZ   C  N N 9   
ARG NH1  N  N N 10  
ARG NH2  N  N N 11  
ARG OXT  O  N N 12  
ARG H    H  N N 13  
ARG H2   H  N N 14  
ARG HA   H  N N 15  
ARG HB2  H  N N 16  
ARG HB3  H  N N 17  
ARG HG2  H  N N 18  
ARG HG3  H  N N 19  
ARG HD2  H  N N 20  
ARG HD3  H  N N 21  
ARG HE   H  N N 22  
ARG HH11 H  N N 23  
ARG HH12 H  N N 24  
ARG HH21 H  N N 25  
ARG HH22 H  N N 26  
ARG HXT  H  N N 27  
ASN N    N  N N 28  
ASN CA   C  N S 29  
ASN C    C  N N 30  
ASN O    O  N N 31  
ASN CB   C  N N 32  
ASN CG   C  N N 33  
ASN OD1  O  N N 34  
ASN ND2  N  N N 35  
ASN OXT  O  N N 36  
ASN H    H  N N 37  
ASN H2   H  N N 38  
ASN HA   H  N N 39  
ASN HB2  H  N N 40  
ASN HB3  H  N N 41  
ASN HD21 H  N N 42  
ASN HD22 H  N N 43  
ASN HXT  H  N N 44  
ASP N    N  N N 45  
ASP CA   C  N S 46  
ASP C    C  N N 47  
ASP O    O  N N 48  
ASP CB   C  N N 49  
ASP CG   C  N N 50  
ASP OD1  O  N N 51  
ASP OD2  O  N N 52  
ASP OXT  O  N N 53  
ASP H    H  N N 54  
ASP H2   H  N N 55  
ASP HA   H  N N 56  
ASP HB2  H  N N 57  
ASP HB3  H  N N 58  
ASP HD2  H  N N 59  
ASP HXT  H  N N 60  
CYS N    N  N N 61  
CYS CA   C  N R 62  
CYS C    C  N N 63  
CYS O    O  N N 64  
CYS CB   C  N N 65  
CYS SG   S  N N 66  
CYS OXT  O  N N 67  
CYS H    H  N N 68  
CYS H2   H  N N 69  
CYS HA   H  N N 70  
CYS HB2  H  N N 71  
CYS HB3  H  N N 72  
CYS HG   H  N N 73  
CYS HXT  H  N N 74  
GLN N    N  N N 75  
GLN CA   C  N S 76  
GLN C    C  N N 77  
GLN O    O  N N 78  
GLN CB   C  N N 79  
GLN CG   C  N N 80  
GLN CD   C  N N 81  
GLN OE1  O  N N 82  
GLN NE2  N  N N 83  
GLN OXT  O  N N 84  
GLN H    H  N N 85  
GLN H2   H  N N 86  
GLN HA   H  N N 87  
GLN HB2  H  N N 88  
GLN HB3  H  N N 89  
GLN HG2  H  N N 90  
GLN HG3  H  N N 91  
GLN HE21 H  N N 92  
GLN HE22 H  N N 93  
GLN HXT  H  N N 94  
GLU N    N  N N 95  
GLU CA   C  N S 96  
GLU C    C  N N 97  
GLU O    O  N N 98  
GLU CB   C  N N 99  
GLU CG   C  N N 100 
GLU CD   C  N N 101 
GLU OE1  O  N N 102 
GLU OE2  O  N N 103 
GLU OXT  O  N N 104 
GLU H    H  N N 105 
GLU H2   H  N N 106 
GLU HA   H  N N 107 
GLU HB2  H  N N 108 
GLU HB3  H  N N 109 
GLU HG2  H  N N 110 
GLU HG3  H  N N 111 
GLU HE2  H  N N 112 
GLU HXT  H  N N 113 
GLY N    N  N N 114 
GLY CA   C  N N 115 
GLY C    C  N N 116 
GLY O    O  N N 117 
GLY OXT  O  N N 118 
GLY H    H  N N 119 
GLY H2   H  N N 120 
GLY HA2  H  N N 121 
GLY HA3  H  N N 122 
GLY HXT  H  N N 123 
HIS N    N  N N 124 
HIS CA   C  N S 125 
HIS C    C  N N 126 
HIS O    O  N N 127 
HIS CB   C  N N 128 
HIS CG   C  Y N 129 
HIS ND1  N  Y N 130 
HIS CD2  C  Y N 131 
HIS CE1  C  Y N 132 
HIS NE2  N  Y N 133 
HIS OXT  O  N N 134 
HIS H    H  N N 135 
HIS H2   H  N N 136 
HIS HA   H  N N 137 
HIS HB2  H  N N 138 
HIS HB3  H  N N 139 
HIS HD1  H  N N 140 
HIS HD2  H  N N 141 
HIS HE1  H  N N 142 
HIS HE2  H  N N 143 
HIS HXT  H  N N 144 
HOH O    O  N N 145 
HOH H1   H  N N 146 
HOH H2   H  N N 147 
ILE N    N  N N 148 
ILE CA   C  N S 149 
ILE C    C  N N 150 
ILE O    O  N N 151 
ILE CB   C  N S 152 
ILE CG1  C  N N 153 
ILE CG2  C  N N 154 
ILE CD1  C  N N 155 
ILE OXT  O  N N 156 
ILE H    H  N N 157 
ILE H2   H  N N 158 
ILE HA   H  N N 159 
ILE HB   H  N N 160 
ILE HG12 H  N N 161 
ILE HG13 H  N N 162 
ILE HG21 H  N N 163 
ILE HG22 H  N N 164 
ILE HG23 H  N N 165 
ILE HD11 H  N N 166 
ILE HD12 H  N N 167 
ILE HD13 H  N N 168 
ILE HXT  H  N N 169 
LEU N    N  N N 170 
LEU CA   C  N S 171 
LEU C    C  N N 172 
LEU O    O  N N 173 
LEU CB   C  N N 174 
LEU CG   C  N N 175 
LEU CD1  C  N N 176 
LEU CD2  C  N N 177 
LEU OXT  O  N N 178 
LEU H    H  N N 179 
LEU H2   H  N N 180 
LEU HA   H  N N 181 
LEU HB2  H  N N 182 
LEU HB3  H  N N 183 
LEU HG   H  N N 184 
LEU HD11 H  N N 185 
LEU HD12 H  N N 186 
LEU HD13 H  N N 187 
LEU HD21 H  N N 188 
LEU HD22 H  N N 189 
LEU HD23 H  N N 190 
LEU HXT  H  N N 191 
LYS N    N  N N 192 
LYS CA   C  N S 193 
LYS C    C  N N 194 
LYS O    O  N N 195 
LYS CB   C  N N 196 
LYS CG   C  N N 197 
LYS CD   C  N N 198 
LYS CE   C  N N 199 
LYS NZ   N  N N 200 
LYS OXT  O  N N 201 
LYS H    H  N N 202 
LYS H2   H  N N 203 
LYS HA   H  N N 204 
LYS HB2  H  N N 205 
LYS HB3  H  N N 206 
LYS HG2  H  N N 207 
LYS HG3  H  N N 208 
LYS HD2  H  N N 209 
LYS HD3  H  N N 210 
LYS HE2  H  N N 211 
LYS HE3  H  N N 212 
LYS HZ1  H  N N 213 
LYS HZ2  H  N N 214 
LYS HZ3  H  N N 215 
LYS HXT  H  N N 216 
MET N    N  N N 217 
MET CA   C  N S 218 
MET C    C  N N 219 
MET O    O  N N 220 
MET CB   C  N N 221 
MET CG   C  N N 222 
MET SD   S  N N 223 
MET CE   C  N N 224 
MET OXT  O  N N 225 
MET H    H  N N 226 
MET H2   H  N N 227 
MET HA   H  N N 228 
MET HB2  H  N N 229 
MET HB3  H  N N 230 
MET HG2  H  N N 231 
MET HG3  H  N N 232 
MET HE1  H  N N 233 
MET HE2  H  N N 234 
MET HE3  H  N N 235 
MET HXT  H  N N 236 
PHE N    N  N N 237 
PHE CA   C  N S 238 
PHE C    C  N N 239 
PHE O    O  N N 240 
PHE CB   C  N N 241 
PHE CG   C  Y N 242 
PHE CD1  C  Y N 243 
PHE CD2  C  Y N 244 
PHE CE1  C  Y N 245 
PHE CE2  C  Y N 246 
PHE CZ   C  Y N 247 
PHE OXT  O  N N 248 
PHE H    H  N N 249 
PHE H2   H  N N 250 
PHE HA   H  N N 251 
PHE HB2  H  N N 252 
PHE HB3  H  N N 253 
PHE HD1  H  N N 254 
PHE HD2  H  N N 255 
PHE HE1  H  N N 256 
PHE HE2  H  N N 257 
PHE HZ   H  N N 258 
PHE HXT  H  N N 259 
PRO N    N  N N 260 
PRO CA   C  N S 261 
PRO C    C  N N 262 
PRO O    O  N N 263 
PRO CB   C  N N 264 
PRO CG   C  N N 265 
PRO CD   C  N N 266 
PRO OXT  O  N N 267 
PRO H    H  N N 268 
PRO HA   H  N N 269 
PRO HB2  H  N N 270 
PRO HB3  H  N N 271 
PRO HG2  H  N N 272 
PRO HG3  H  N N 273 
PRO HD2  H  N N 274 
PRO HD3  H  N N 275 
PRO HXT  H  N N 276 
SER N    N  N N 277 
SER CA   C  N S 278 
SER C    C  N N 279 
SER O    O  N N 280 
SER CB   C  N N 281 
SER OG   O  N N 282 
SER OXT  O  N N 283 
SER H    H  N N 284 
SER H2   H  N N 285 
SER HA   H  N N 286 
SER HB2  H  N N 287 
SER HB3  H  N N 288 
SER HG   H  N N 289 
SER HXT  H  N N 290 
SIN C1   C  N N 291 
SIN O1   O  N N 292 
SIN O2   O  N N 293 
SIN C2   C  N N 294 
SIN C3   C  N N 295 
SIN C4   C  N N 296 
SIN O3   O  N N 297 
SIN O4   O  N N 298 
SIN HO2  H  N N 299 
SIN H21  H  N N 300 
SIN H22  H  N N 301 
SIN H31  H  N N 302 
SIN H32  H  N N 303 
SIN HO4  H  N N 304 
THR N    N  N N 305 
THR CA   C  N S 306 
THR C    C  N N 307 
THR O    O  N N 308 
THR CB   C  N R 309 
THR OG1  O  N N 310 
THR CG2  C  N N 311 
THR OXT  O  N N 312 
THR H    H  N N 313 
THR H2   H  N N 314 
THR HA   H  N N 315 
THR HB   H  N N 316 
THR HG1  H  N N 317 
THR HG21 H  N N 318 
THR HG22 H  N N 319 
THR HG23 H  N N 320 
THR HXT  H  N N 321 
TRP N    N  N N 322 
TRP CA   C  N S 323 
TRP C    C  N N 324 
TRP O    O  N N 325 
TRP CB   C  N N 326 
TRP CG   C  Y N 327 
TRP CD1  C  Y N 328 
TRP CD2  C  Y N 329 
TRP NE1  N  Y N 330 
TRP CE2  C  Y N 331 
TRP CE3  C  Y N 332 
TRP CZ2  C  Y N 333 
TRP CZ3  C  Y N 334 
TRP CH2  C  Y N 335 
TRP OXT  O  N N 336 
TRP H    H  N N 337 
TRP H2   H  N N 338 
TRP HA   H  N N 339 
TRP HB2  H  N N 340 
TRP HB3  H  N N 341 
TRP HD1  H  N N 342 
TRP HE1  H  N N 343 
TRP HE3  H  N N 344 
TRP HZ2  H  N N 345 
TRP HZ3  H  N N 346 
TRP HH2  H  N N 347 
TRP HXT  H  N N 348 
TYR N    N  N N 349 
TYR CA   C  N S 350 
TYR C    C  N N 351 
TYR O    O  N N 352 
TYR CB   C  N N 353 
TYR CG   C  Y N 354 
TYR CD1  C  Y N 355 
TYR CD2  C  Y N 356 
TYR CE1  C  Y N 357 
TYR CE2  C  Y N 358 
TYR CZ   C  Y N 359 
TYR OH   O  N N 360 
TYR OXT  O  N N 361 
TYR H    H  N N 362 
TYR H2   H  N N 363 
TYR HA   H  N N 364 
TYR HB2  H  N N 365 
TYR HB3  H  N N 366 
TYR HD1  H  N N 367 
TYR HD2  H  N N 368 
TYR HE1  H  N N 369 
TYR HE2  H  N N 370 
TYR HH   H  N N 371 
TYR HXT  H  N N 372 
VAL N    N  N N 373 
VAL CA   C  N S 374 
VAL C    C  N N 375 
VAL O    O  N N 376 
VAL CB   C  N N 377 
VAL CG1  C  N N 378 
VAL CG2  C  N N 379 
VAL OXT  O  N N 380 
VAL H    H  N N 381 
VAL H2   H  N N 382 
VAL HA   H  N N 383 
VAL HB   H  N N 384 
VAL HG11 H  N N 385 
VAL HG12 H  N N 386 
VAL HG13 H  N N 387 
VAL HG21 H  N N 388 
VAL HG22 H  N N 389 
VAL HG23 H  N N 390 
VAL HXT  H  N N 391 
ZN  ZN   ZN N N 392 
# 
loop_
_chem_comp_bond.comp_id 
_chem_comp_bond.atom_id_1 
_chem_comp_bond.atom_id_2 
_chem_comp_bond.value_order 
_chem_comp_bond.pdbx_aromatic_flag 
_chem_comp_bond.pdbx_stereo_config 
_chem_comp_bond.pdbx_ordinal 
ARG N   CA   sing N N 1   
ARG N   H    sing N N 2   
ARG N   H2   sing N N 3   
ARG CA  C    sing N N 4   
ARG CA  CB   sing N N 5   
ARG CA  HA   sing N N 6   
ARG C   O    doub N N 7   
ARG C   OXT  sing N N 8   
ARG CB  CG   sing N N 9   
ARG CB  HB2  sing N N 10  
ARG CB  HB3  sing N N 11  
ARG CG  CD   sing N N 12  
ARG CG  HG2  sing N N 13  
ARG CG  HG3  sing N N 14  
ARG CD  NE   sing N N 15  
ARG CD  HD2  sing N N 16  
ARG CD  HD3  sing N N 17  
ARG NE  CZ   sing N N 18  
ARG NE  HE   sing N N 19  
ARG CZ  NH1  sing N N 20  
ARG CZ  NH2  doub N N 21  
ARG NH1 HH11 sing N N 22  
ARG NH1 HH12 sing N N 23  
ARG NH2 HH21 sing N N 24  
ARG NH2 HH22 sing N N 25  
ARG OXT HXT  sing N N 26  
ASN N   CA   sing N N 27  
ASN N   H    sing N N 28  
ASN N   H2   sing N N 29  
ASN CA  C    sing N N 30  
ASN CA  CB   sing N N 31  
ASN CA  HA   sing N N 32  
ASN C   O    doub N N 33  
ASN C   OXT  sing N N 34  
ASN CB  CG   sing N N 35  
ASN CB  HB2  sing N N 36  
ASN CB  HB3  sing N N 37  
ASN CG  OD1  doub N N 38  
ASN CG  ND2  sing N N 39  
ASN ND2 HD21 sing N N 40  
ASN ND2 HD22 sing N N 41  
ASN OXT HXT  sing N N 42  
ASP N   CA   sing N N 43  
ASP N   H    sing N N 44  
ASP N   H2   sing N N 45  
ASP CA  C    sing N N 46  
ASP CA  CB   sing N N 47  
ASP CA  HA   sing N N 48  
ASP C   O    doub N N 49  
ASP C   OXT  sing N N 50  
ASP CB  CG   sing N N 51  
ASP CB  HB2  sing N N 52  
ASP CB  HB3  sing N N 53  
ASP CG  OD1  doub N N 54  
ASP CG  OD2  sing N N 55  
ASP OD2 HD2  sing N N 56  
ASP OXT HXT  sing N N 57  
CYS N   CA   sing N N 58  
CYS N   H    sing N N 59  
CYS N   H2   sing N N 60  
CYS CA  C    sing N N 61  
CYS CA  CB   sing N N 62  
CYS CA  HA   sing N N 63  
CYS C   O    doub N N 64  
CYS C   OXT  sing N N 65  
CYS CB  SG   sing N N 66  
CYS CB  HB2  sing N N 67  
CYS CB  HB3  sing N N 68  
CYS SG  HG   sing N N 69  
CYS OXT HXT  sing N N 70  
GLN N   CA   sing N N 71  
GLN N   H    sing N N 72  
GLN N   H2   sing N N 73  
GLN CA  C    sing N N 74  
GLN CA  CB   sing N N 75  
GLN CA  HA   sing N N 76  
GLN C   O    doub N N 77  
GLN C   OXT  sing N N 78  
GLN CB  CG   sing N N 79  
GLN CB  HB2  sing N N 80  
GLN CB  HB3  sing N N 81  
GLN CG  CD   sing N N 82  
GLN CG  HG2  sing N N 83  
GLN CG  HG3  sing N N 84  
GLN CD  OE1  doub N N 85  
GLN CD  NE2  sing N N 86  
GLN NE2 HE21 sing N N 87  
GLN NE2 HE22 sing N N 88  
GLN OXT HXT  sing N N 89  
GLU N   CA   sing N N 90  
GLU N   H    sing N N 91  
GLU N   H2   sing N N 92  
GLU CA  C    sing N N 93  
GLU CA  CB   sing N N 94  
GLU CA  HA   sing N N 95  
GLU C   O    doub N N 96  
GLU C   OXT  sing N N 97  
GLU CB  CG   sing N N 98  
GLU CB  HB2  sing N N 99  
GLU CB  HB3  sing N N 100 
GLU CG  CD   sing N N 101 
GLU CG  HG2  sing N N 102 
GLU CG  HG3  sing N N 103 
GLU CD  OE1  doub N N 104 
GLU CD  OE2  sing N N 105 
GLU OE2 HE2  sing N N 106 
GLU OXT HXT  sing N N 107 
GLY N   CA   sing N N 108 
GLY N   H    sing N N 109 
GLY N   H2   sing N N 110 
GLY CA  C    sing N N 111 
GLY CA  HA2  sing N N 112 
GLY CA  HA3  sing N N 113 
GLY C   O    doub N N 114 
GLY C   OXT  sing N N 115 
GLY OXT HXT  sing N N 116 
HIS N   CA   sing N N 117 
HIS N   H    sing N N 118 
HIS N   H2   sing N N 119 
HIS CA  C    sing N N 120 
HIS CA  CB   sing N N 121 
HIS CA  HA   sing N N 122 
HIS C   O    doub N N 123 
HIS C   OXT  sing N N 124 
HIS CB  CG   sing N N 125 
HIS CB  HB2  sing N N 126 
HIS CB  HB3  sing N N 127 
HIS CG  ND1  sing Y N 128 
HIS CG  CD2  doub Y N 129 
HIS ND1 CE1  doub Y N 130 
HIS ND1 HD1  sing N N 131 
HIS CD2 NE2  sing Y N 132 
HIS CD2 HD2  sing N N 133 
HIS CE1 NE2  sing Y N 134 
HIS CE1 HE1  sing N N 135 
HIS NE2 HE2  sing N N 136 
HIS OXT HXT  sing N N 137 
HOH O   H1   sing N N 138 
HOH O   H2   sing N N 139 
ILE N   CA   sing N N 140 
ILE N   H    sing N N 141 
ILE N   H2   sing N N 142 
ILE CA  C    sing N N 143 
ILE CA  CB   sing N N 144 
ILE CA  HA   sing N N 145 
ILE C   O    doub N N 146 
ILE C   OXT  sing N N 147 
ILE CB  CG1  sing N N 148 
ILE CB  CG2  sing N N 149 
ILE CB  HB   sing N N 150 
ILE CG1 CD1  sing N N 151 
ILE CG1 HG12 sing N N 152 
ILE CG1 HG13 sing N N 153 
ILE CG2 HG21 sing N N 154 
ILE CG2 HG22 sing N N 155 
ILE CG2 HG23 sing N N 156 
ILE CD1 HD11 sing N N 157 
ILE CD1 HD12 sing N N 158 
ILE CD1 HD13 sing N N 159 
ILE OXT HXT  sing N N 160 
LEU N   CA   sing N N 161 
LEU N   H    sing N N 162 
LEU N   H2   sing N N 163 
LEU CA  C    sing N N 164 
LEU CA  CB   sing N N 165 
LEU CA  HA   sing N N 166 
LEU C   O    doub N N 167 
LEU C   OXT  sing N N 168 
LEU CB  CG   sing N N 169 
LEU CB  HB2  sing N N 170 
LEU CB  HB3  sing N N 171 
LEU CG  CD1  sing N N 172 
LEU CG  CD2  sing N N 173 
LEU CG  HG   sing N N 174 
LEU CD1 HD11 sing N N 175 
LEU CD1 HD12 sing N N 176 
LEU CD1 HD13 sing N N 177 
LEU CD2 HD21 sing N N 178 
LEU CD2 HD22 sing N N 179 
LEU CD2 HD23 sing N N 180 
LEU OXT HXT  sing N N 181 
LYS N   CA   sing N N 182 
LYS N   H    sing N N 183 
LYS N   H2   sing N N 184 
LYS CA  C    sing N N 185 
LYS CA  CB   sing N N 186 
LYS CA  HA   sing N N 187 
LYS C   O    doub N N 188 
LYS C   OXT  sing N N 189 
LYS CB  CG   sing N N 190 
LYS CB  HB2  sing N N 191 
LYS CB  HB3  sing N N 192 
LYS CG  CD   sing N N 193 
LYS CG  HG2  sing N N 194 
LYS CG  HG3  sing N N 195 
LYS CD  CE   sing N N 196 
LYS CD  HD2  sing N N 197 
LYS CD  HD3  sing N N 198 
LYS CE  NZ   sing N N 199 
LYS CE  HE2  sing N N 200 
LYS CE  HE3  sing N N 201 
LYS NZ  HZ1  sing N N 202 
LYS NZ  HZ2  sing N N 203 
LYS NZ  HZ3  sing N N 204 
LYS OXT HXT  sing N N 205 
MET N   CA   sing N N 206 
MET N   H    sing N N 207 
MET N   H2   sing N N 208 
MET CA  C    sing N N 209 
MET CA  CB   sing N N 210 
MET CA  HA   sing N N 211 
MET C   O    doub N N 212 
MET C   OXT  sing N N 213 
MET CB  CG   sing N N 214 
MET CB  HB2  sing N N 215 
MET CB  HB3  sing N N 216 
MET CG  SD   sing N N 217 
MET CG  HG2  sing N N 218 
MET CG  HG3  sing N N 219 
MET SD  CE   sing N N 220 
MET CE  HE1  sing N N 221 
MET CE  HE2  sing N N 222 
MET CE  HE3  sing N N 223 
MET OXT HXT  sing N N 224 
PHE N   CA   sing N N 225 
PHE N   H    sing N N 226 
PHE N   H2   sing N N 227 
PHE CA  C    sing N N 228 
PHE CA  CB   sing N N 229 
PHE CA  HA   sing N N 230 
PHE C   O    doub N N 231 
PHE C   OXT  sing N N 232 
PHE CB  CG   sing N N 233 
PHE CB  HB2  sing N N 234 
PHE CB  HB3  sing N N 235 
PHE CG  CD1  doub Y N 236 
PHE CG  CD2  sing Y N 237 
PHE CD1 CE1  sing Y N 238 
PHE CD1 HD1  sing N N 239 
PHE CD2 CE2  doub Y N 240 
PHE CD2 HD2  sing N N 241 
PHE CE1 CZ   doub Y N 242 
PHE CE1 HE1  sing N N 243 
PHE CE2 CZ   sing Y N 244 
PHE CE2 HE2  sing N N 245 
PHE CZ  HZ   sing N N 246 
PHE OXT HXT  sing N N 247 
PRO N   CA   sing N N 248 
PRO N   CD   sing N N 249 
PRO N   H    sing N N 250 
PRO CA  C    sing N N 251 
PRO CA  CB   sing N N 252 
PRO CA  HA   sing N N 253 
PRO C   O    doub N N 254 
PRO C   OXT  sing N N 255 
PRO CB  CG   sing N N 256 
PRO CB  HB2  sing N N 257 
PRO CB  HB3  sing N N 258 
PRO CG  CD   sing N N 259 
PRO CG  HG2  sing N N 260 
PRO CG  HG3  sing N N 261 
PRO CD  HD2  sing N N 262 
PRO CD  HD3  sing N N 263 
PRO OXT HXT  sing N N 264 
SER N   CA   sing N N 265 
SER N   H    sing N N 266 
SER N   H2   sing N N 267 
SER CA  C    sing N N 268 
SER CA  CB   sing N N 269 
SER CA  HA   sing N N 270 
SER C   O    doub N N 271 
SER C   OXT  sing N N 272 
SER CB  OG   sing N N 273 
SER CB  HB2  sing N N 274 
SER CB  HB3  sing N N 275 
SER OG  HG   sing N N 276 
SER OXT HXT  sing N N 277 
SIN C1  O1   doub N N 278 
SIN C1  O2   sing N N 279 
SIN C1  C2   sing N N 280 
SIN O2  HO2  sing N N 281 
SIN C2  C3   sing N N 282 
SIN C2  H21  sing N N 283 
SIN C2  H22  sing N N 284 
SIN C3  C4   sing N N 285 
SIN C3  H31  sing N N 286 
SIN C3  H32  sing N N 287 
SIN C4  O3   doub N N 288 
SIN C4  O4   sing N N 289 
SIN O4  HO4  sing N N 290 
THR N   CA   sing N N 291 
THR N   H    sing N N 292 
THR N   H2   sing N N 293 
THR CA  C    sing N N 294 
THR CA  CB   sing N N 295 
THR CA  HA   sing N N 296 
THR C   O    doub N N 297 
THR C   OXT  sing N N 298 
THR CB  OG1  sing N N 299 
THR CB  CG2  sing N N 300 
THR CB  HB   sing N N 301 
THR OG1 HG1  sing N N 302 
THR CG2 HG21 sing N N 303 
THR CG2 HG22 sing N N 304 
THR CG2 HG23 sing N N 305 
THR OXT HXT  sing N N 306 
TRP N   CA   sing N N 307 
TRP N   H    sing N N 308 
TRP N   H2   sing N N 309 
TRP CA  C    sing N N 310 
TRP CA  CB   sing N N 311 
TRP CA  HA   sing N N 312 
TRP C   O    doub N N 313 
TRP C   OXT  sing N N 314 
TRP CB  CG   sing N N 315 
TRP CB  HB2  sing N N 316 
TRP CB  HB3  sing N N 317 
TRP CG  CD1  doub Y N 318 
TRP CG  CD2  sing Y N 319 
TRP CD1 NE1  sing Y N 320 
TRP CD1 HD1  sing N N 321 
TRP CD2 CE2  doub Y N 322 
TRP CD2 CE3  sing Y N 323 
TRP NE1 CE2  sing Y N 324 
TRP NE1 HE1  sing N N 325 
TRP CE2 CZ2  sing Y N 326 
TRP CE3 CZ3  doub Y N 327 
TRP CE3 HE3  sing N N 328 
TRP CZ2 CH2  doub Y N 329 
TRP CZ2 HZ2  sing N N 330 
TRP CZ3 CH2  sing Y N 331 
TRP CZ3 HZ3  sing N N 332 
TRP CH2 HH2  sing N N 333 
TRP OXT HXT  sing N N 334 
TYR N   CA   sing N N 335 
TYR N   H    sing N N 336 
TYR N   H2   sing N N 337 
TYR CA  C    sing N N 338 
TYR CA  CB   sing N N 339 
TYR CA  HA   sing N N 340 
TYR C   O    doub N N 341 
TYR C   OXT  sing N N 342 
TYR CB  CG   sing N N 343 
TYR CB  HB2  sing N N 344 
TYR CB  HB3  sing N N 345 
TYR CG  CD1  doub Y N 346 
TYR CG  CD2  sing Y N 347 
TYR CD1 CE1  sing Y N 348 
TYR CD1 HD1  sing N N 349 
TYR CD2 CE2  doub Y N 350 
TYR CD2 HD2  sing N N 351 
TYR CE1 CZ   doub Y N 352 
TYR CE1 HE1  sing N N 353 
TYR CE2 CZ   sing Y N 354 
TYR CE2 HE2  sing N N 355 
TYR CZ  OH   sing N N 356 
TYR OH  HH   sing N N 357 
TYR OXT HXT  sing N N 358 
VAL N   CA   sing N N 359 
VAL N   H    sing N N 360 
VAL N   H2   sing N N 361 
VAL CA  C    sing N N 362 
VAL CA  CB   sing N N 363 
VAL CA  HA   sing N N 364 
VAL C   O    doub N N 365 
VAL C   OXT  sing N N 366 
VAL CB  CG1  sing N N 367 
VAL CB  CG2  sing N N 368 
VAL CB  HB   sing N N 369 
VAL CG1 HG11 sing N N 370 
VAL CG1 HG12 sing N N 371 
VAL CG1 HG13 sing N N 372 
VAL CG2 HG21 sing N N 373 
VAL CG2 HG22 sing N N 374 
VAL CG2 HG23 sing N N 375 
VAL OXT HXT  sing N N 376 
# 
_atom_sites.entry_id                    2AYD 
_atom_sites.fract_transf_matrix[1][1]   -0.01782835 
_atom_sites.fract_transf_matrix[1][2]   0.01589409 
_atom_sites.fract_transf_matrix[1][3]   -0.00847699 
_atom_sites.fract_transf_matrix[2][1]   -0.02314349 
_atom_sites.fract_transf_matrix[2][2]   -0.00023666 
_atom_sites.fract_transf_matrix[2][3]   0.01034143 
_atom_sites.fract_transf_matrix[3][1]   0.00423096 
_atom_sites.fract_transf_matrix[3][2]   0.00991691 
_atom_sites.fract_transf_matrix[3][3]   0.00969556 
_atom_sites.fract_transf_vector[1]      0.438057 
_atom_sites.fract_transf_vector[2]      -0.147826 
_atom_sites.fract_transf_vector[3]      -0.092537 
# 
loop_
_atom_type.symbol 
C  
N  
O  
S  
ZN 
# 
loop_
_atom_site.group_PDB 
_atom_site.id 
_atom_site.type_symbol 
_atom_site.label_atom_id 
_atom_site.label_alt_id 
_atom_site.label_comp_id 
_atom_site.label_asym_id 
_atom_site.label_entity_id 
_atom_site.label_seq_id 
_atom_site.pdbx_PDB_ins_code 
_atom_site.Cartn_x 
_atom_site.Cartn_y 
_atom_site.Cartn_z 
_atom_site.occupancy 
_atom_site.B_iso_or_equiv 
_atom_site.pdbx_formal_charge 
_atom_site.auth_seq_id 
_atom_site.auth_comp_id 
_atom_site.auth_asym_id 
_atom_site.auth_atom_id 
_atom_site.pdbx_PDB_model_num 
ATOM   1   N  N   . SER A 1 1  ? -5.353  -3.498  12.758  1.00 39.36 ? 293 SER A N   1 
ATOM   2   C  CA  . SER A 1 1  ? -5.380  -2.078  13.163  1.00 39.36 ? 293 SER A CA  1 
ATOM   3   C  C   . SER A 1 1  ? -5.183  -1.252  11.904  1.00 37.95 ? 293 SER A C   1 
ATOM   4   O  O   . SER A 1 1  ? -4.962  -1.841  10.864  1.00 39.61 ? 293 SER A O   1 
ATOM   5   C  CB  . SER A 1 1  ? -4.246  -1.811  14.118  1.00 39.86 ? 293 SER A CB  1 
ATOM   6   O  OG  . SER A 1 1  ? -4.125  -0.421  14.324  1.00 42.74 ? 293 SER A OG  1 
ATOM   7   N  N   . ARG A 1 2  ? -5.263  0.083   11.970  1.00 35.43 ? 294 ARG A N   1 
ATOM   8   C  CA  . ARG A 1 2  ? -5.156  0.902   10.755  1.00 33.30 ? 294 ARG A CA  1 
ATOM   9   C  C   . ARG A 1 2  ? -4.148  2.032   10.863  1.00 30.96 ? 294 ARG A C   1 
ATOM   10  O  O   . ARG A 1 2  ? -4.121  2.800   11.829  1.00 29.94 ? 294 ARG A O   1 
ATOM   11  C  CB  . ARG A 1 2  ? -6.523  1.443   10.365  1.00 34.08 ? 294 ARG A CB  1 
ATOM   12  C  CG  . ARG A 1 2  ? -6.588  1.994   8.944   1.00 37.39 ? 294 ARG A CG  1 
ATOM   13  C  CD  . ARG A 1 2  ? -6.881  3.486   8.862   1.00 42.74 ? 294 ARG A CD  1 
ATOM   14  N  NE  . ARG A 1 2  ? -7.889  3.899   9.854   1.00 45.67 ? 294 ARG A NE  1 
ATOM   15  C  CZ  . ARG A 1 2  ? -9.210  3.878   9.671   1.00 47.09 ? 294 ARG A CZ  1 
ATOM   16  N  NH1 . ARG A 1 2  ? -9.740  3.492   8.515   1.00 48.12 ? 294 ARG A NH1 1 
ATOM   17  N  NH2 . ARG A 1 2  ? -10.016 4.258   10.658  1.00 48.12 ? 294 ARG A NH2 1 
ATOM   18  N  N   . ILE A 1 3  ? -3.294  2.132   9.859   1.00 27.25 ? 295 ILE A N   1 
ATOM   19  C  CA  . ILE A 1 3  ? -2.319  3.204   9.818   1.00 25.08 ? 295 ILE A CA  1 
ATOM   20  C  C   . ILE A 1 3  ? -2.171  3.692   8.404   1.00 21.83 ? 295 ILE A C   1 
ATOM   21  O  O   . ILE A 1 3  ? -2.120  2.899   7.479   1.00 18.20 ? 295 ILE A O   1 
ATOM   22  C  CB  . ILE A 1 3  ? -0.981  2.752   10.427  1.00 27.05 ? 295 ILE A CB  1 
ATOM   23  C  CG1 . ILE A 1 3  ? 0.029   3.896   10.482  1.00 29.15 ? 295 ILE A CG1 1 
ATOM   24  C  CG2 . ILE A 1 3  ? -0.424  1.607   9.710   1.00 27.57 ? 295 ILE A CG2 1 
ATOM   25  C  CD1 . ILE A 1 3  ? 0.998   3.808   11.674  1.00 33.95 ? 295 ILE A CD1 1 
ATOM   26  N  N   . VAL A 1 4  ? -2.137  5.002   8.258   1.00 19.85 ? 296 VAL A N   1 
ATOM   27  C  CA  . VAL A 1 4  ? -1.997  5.645   6.966   1.00 18.77 ? 296 VAL A CA  1 
ATOM   28  C  C   . VAL A 1 4  ? -0.593  6.239   6.853   1.00 18.47 ? 296 VAL A C   1 
ATOM   29  O  O   . VAL A 1 4  ? -0.058  6.816   7.790   1.00 18.75 ? 296 VAL A O   1 
ATOM   30  C  CB  . VAL A 1 4  ? -3.093  6.720   6.760   1.00 19.02 ? 296 VAL A CB  1 
ATOM   31  C  CG1 . VAL A 1 4  ? -2.867  7.505   5.480   1.00 18.52 ? 296 VAL A CG1 1 
ATOM   32  C  CG2 . VAL A 1 4  ? -4.499  6.080   6.727   1.00 18.05 ? 296 VAL A CG2 1 
ATOM   33  N  N   . VAL A 1 5  ? -0.008  6.109   5.672   1.00 17.26 ? 297 VAL A N   1 
ATOM   34  C  CA  . VAL A 1 5  ? 1.288   6.660   5.353   1.00 17.84 ? 297 VAL A CA  1 
ATOM   35  C  C   . VAL A 1 5  ? 1.186   7.406   4.031   1.00 17.92 ? 297 VAL A C   1 
ATOM   36  O  O   . VAL A 1 5  ? 0.543   6.943   3.108   1.00 18.53 ? 297 VAL A O   1 
ATOM   37  C  CB  . VAL A 1 5  ? 2.342   5.566   5.223   1.00 18.55 ? 297 VAL A CB  1 
ATOM   38  C  CG1 . VAL A 1 5  ? 3.663   6.142   4.689   1.00 20.42 ? 297 VAL A CG1 1 
ATOM   39  C  CG2 . VAL A 1 5  ? 2.530   4.864   6.564   1.00 18.81 ? 297 VAL A CG2 1 
ATOM   40  N  N   . HIS A 1 6  ? 1.797   8.582   3.972   1.00 16.85 ? 298 HIS A N   1 
ATOM   41  C  CA  . HIS A 1 6  ? 1.879   9.382   2.773   1.00 16.71 ? 298 HIS A CA  1 
ATOM   42  C  C   . HIS A 1 6  ? 3.324   9.367   2.305   1.00 16.05 ? 298 HIS A C   1 
ATOM   43  O  O   . HIS A 1 6  ? 4.237   9.478   3.115   1.00 17.32 ? 298 HIS A O   1 
ATOM   44  C  CB  . HIS A 1 6  ? 1.476   10.820  3.039   1.00 17.31 ? 298 HIS A CB  1 
ATOM   45  C  CG  . HIS A 1 6  ? 0.076   10.988  3.541   1.00 15.97 ? 298 HIS A CG  1 
ATOM   46  N  ND1 . HIS A 1 6  ? -0.489  12.228  3.728   1.00 18.30 ? 298 HIS A ND1 1 
ATOM   47  C  CD2 . HIS A 1 6  ? -0.892  10.082  3.835   1.00 16.34 ? 298 HIS A CD2 1 
ATOM   48  C  CE1 . HIS A 1 6  ? -1.721  12.077  4.182   1.00 18.20 ? 298 HIS A CE1 1 
ATOM   49  N  NE2 . HIS A 1 6  ? -1.998  10.788  4.246   1.00 16.04 ? 298 HIS A NE2 1 
ATOM   50  N  N   . THR A 1 7  ? 3.525   9.248   0.992   1.00 15.47 ? 299 THR A N   1 
ATOM   51  C  CA  . THR A 1 7  ? 4.827   9.248   0.392   1.00 16.25 ? 299 THR A CA  1 
ATOM   52  C  C   . THR A 1 7  ? 4.854   10.244  -0.755  1.00 16.82 ? 299 THR A C   1 
ATOM   53  O  O   . THR A 1 7  ? 4.022   10.187  -1.647  1.00 16.11 ? 299 THR A O   1 
ATOM   54  C  CB  . THR A 1 7  ? 5.172   7.831   -0.138  1.00 16.51 ? 299 THR A CB  1 
ATOM   55  O  OG1 . THR A 1 7  ? 5.041   6.833   0.888   1.00 16.93 ? 299 THR A OG1 1 
ATOM   56  C  CG2 . THR A 1 7  ? 6.627   7.786   -0.548  1.00 17.99 ? 299 THR A CG2 1 
ATOM   57  N  N   . GLN A 1 8  ? 5.818   11.150  -0.743  1.00 15.92 ? 300 GLN A N   1 
ATOM   58  C  CA  . GLN A 1 8  ? 5.983   12.074  -1.843  1.00 17.14 ? 300 GLN A CA  1 
ATOM   59  C  C   . GLN A 1 8  ? 6.861   11.419  -2.898  1.00 16.48 ? 300 GLN A C   1 
ATOM   60  O  O   . GLN A 1 8  ? 8.053   11.224  -2.691  1.00 16.76 ? 300 GLN A O   1 
ATOM   61  C  CB  . GLN A 1 8  ? 6.587   13.402  -1.373  1.00 18.10 ? 300 GLN A CB  1 
ATOM   62  C  CG  . GLN A 1 8  ? 6.303   14.471  -2.351  1.00 22.15 ? 300 GLN A CG  1 
ATOM   63  C  CD  . GLN A 1 8  ? 6.268   15.858  -1.801  1.00 23.55 ? 300 GLN A CD  1 
ATOM   64  O  OE1 . GLN A 1 8  ? 6.805   16.724  -2.426  1.00 23.49 ? 300 GLN A OE1 1 
ATOM   65  N  NE2 . GLN A 1 8  ? 5.536   16.099  -0.700  1.00 28.03 ? 300 GLN A NE2 1 
ATOM   66  N  N   . THR A 1 9  ? 6.239   10.986  -3.995  1.00 15.84 ? 301 THR A N   1 
ATOM   67  C  CA  . THR A 1 9  ? 6.938   10.231  -5.013  1.00 16.18 ? 301 THR A CA  1 
ATOM   68  C  C   . THR A 1 9  ? 6.215   10.293  -6.330  1.00 15.28 ? 301 THR A C   1 
ATOM   69  O  O   . THR A 1 9  ? 4.984   10.329  -6.393  1.00 16.18 ? 301 THR A O   1 
ATOM   70  C  CB  . THR A 1 9  ? 7.115   8.765   -4.595  1.00 16.20 ? 301 THR A CB  1 
ATOM   71  O  OG1 . THR A 1 9  ? 7.773   8.001   -5.651  1.00 17.21 ? 301 THR A OG1 1 
ATOM   72  C  CG2 . THR A 1 9  ? 5.771   8.082   -4.310  1.00 17.46 ? 301 THR A CG2 1 
ATOM   73  N  N   . LEU A 1 10 ? 7.010   10.315  -7.400  1.00 16.00 ? 302 LEU A N   1 
ATOM   74  C  CA  . LEU A 1 10 ? 6.472   10.283  -8.748  1.00 16.25 ? 302 LEU A CA  1 
ATOM   75  C  C   . LEU A 1 10 ? 6.268   8.870   -9.256  1.00 16.54 ? 302 LEU A C   1 
ATOM   76  O  O   . LEU A 1 10 ? 5.679   8.684   -10.303 1.00 16.72 ? 302 LEU A O   1 
ATOM   77  C  CB  . LEU A 1 10 ? 7.403   11.072  -9.669  1.00 16.84 ? 302 LEU A CB  1 
ATOM   78  C  CG  . LEU A 1 10 ? 7.531   12.589  -9.392  1.00 17.25 ? 302 LEU A CG  1 
ATOM   79  C  CD1 . LEU A 1 10 ? 8.535   13.266  -10.324 1.00 18.79 ? 302 LEU A CD1 1 
ATOM   80  C  CD2 . LEU A 1 10 ? 6.196   13.312  -9.491  1.00 20.03 ? 302 LEU A CD2 1 
ATOM   81  N  N   . PHE A 1 11 ? 6.781   7.880   -8.528  1.00 16.40 ? 303 PHE A N   1 
ATOM   82  C  CA  . PHE A 1 11 ? 6.567   6.465   -8.839  1.00 16.37 ? 303 PHE A CA  1 
ATOM   83  C  C   . PHE A 1 11 ? 5.334   5.933   -8.127  1.00 18.22 ? 303 PHE A C   1 
ATOM   84  O  O   . PHE A 1 11 ? 4.831   6.539   -7.190  1.00 18.34 ? 303 PHE A O   1 
ATOM   85  C  CB  . PHE A 1 11 ? 7.821   5.639   -8.481  1.00 16.62 ? 303 PHE A CB  1 
ATOM   86  C  CG  . PHE A 1 11 ? 8.967   5.857   -9.424  1.00 17.08 ? 303 PHE A CG  1 
ATOM   87  C  CD1 . PHE A 1 11 ? 9.150   5.028   -10.522 1.00 17.92 ? 303 PHE A CD1 1 
ATOM   88  C  CD2 . PHE A 1 11 ? 9.805   6.941   -9.262  1.00 20.71 ? 303 PHE A CD2 1 
ATOM   89  C  CE1 . PHE A 1 11 ? 10.187  5.267   -11.421 1.00 19.64 ? 303 PHE A CE1 1 
ATOM   90  C  CE2 . PHE A 1 11 ? 10.871  7.168   -10.153 1.00 20.52 ? 303 PHE A CE2 1 
ATOM   91  C  CZ  . PHE A 1 11 ? 11.023  6.309   -11.238 1.00 20.53 ? 303 PHE A CZ  1 
ATOM   92  N  N   . ASP A 1 12 ? 4.840   4.789   -8.582  1.00 19.20 ? 304 ASP A N   1 
ATOM   93  C  CA  . ASP A 1 12 ? 3.576   4.261   -8.071  1.00 19.51 ? 304 ASP A CA  1 
ATOM   94  C  C   . ASP A 1 12 ? 3.716   3.102   -7.097  1.00 19.27 ? 304 ASP A C   1 
ATOM   95  O  O   . ASP A 1 12 ? 2.703   2.620   -6.607  1.00 18.50 ? 304 ASP A O   1 
ATOM   96  C  CB  . ASP A 1 12 ? 2.707   3.810   -9.209  1.00 21.60 ? 304 ASP A CB  1 
ATOM   97  C  CG  . ASP A 1 12 ? 2.245   4.946   -10.041 1.00 24.09 ? 304 ASP A CG  1 
ATOM   98  O  OD1 . ASP A 1 12 ? 2.096   6.053   -9.483  1.00 24.71 ? 304 ASP A OD1 1 
ATOM   99  O  OD2 . ASP A 1 12 ? 1.997   4.776   -11.253 1.00 29.92 ? 304 ASP A OD2 1 
ATOM   100 N  N   . ILE A 1 13 ? 4.937   2.707   -6.805  1.00 20.44 ? 305 ILE A N   1 
ATOM   101 C  CA  . ILE A 1 13 ? 5.234   1.718   -5.766  1.00 20.90 ? 305 ILE A CA  1 
ATOM   102 C  C   . ILE A 1 13 ? 6.235   2.336   -4.775  1.00 22.03 ? 305 ILE A C   1 
ATOM   103 O  O   . ILE A 1 13 ? 7.199   2.998   -5.179  1.00 24.00 ? 305 ILE A O   1 
ATOM   104 C  CB  . ILE A 1 13 ? 5.812   0.431   -6.383  1.00 22.04 ? 305 ILE A CB  1 
ATOM   105 C  CG1 . ILE A 1 13 ? 4.847   -0.158  -7.406  1.00 22.47 ? 305 ILE A CG1 1 
ATOM   106 C  CG2 . ILE A 1 13 ? 6.098   -0.602  -5.277  1.00 23.04 ? 305 ILE A CG2 1 
ATOM   107 C  CD1 . ILE A 1 13 ? 5.454   -1.270  -8.180  1.00 23.98 ? 305 ILE A CD1 1 
ATOM   108 N  N   . VAL A 1 14 ? 5.974   2.134   -3.486  1.00 21.65 ? 306 VAL A N   1 
ATOM   109 C  CA  . VAL A 1 14 ? 6.818   2.608   -2.397  1.00 22.84 ? 306 VAL A CA  1 
ATOM   110 C  C   . VAL A 1 14 ? 7.465   1.352   -1.793  1.00 21.96 ? 306 VAL A C   1 
ATOM   111 O  O   . VAL A 1 14 ? 6.750   0.402   -1.496  1.00 21.71 ? 306 VAL A O   1 
ATOM   112 C  CB  . VAL A 1 14 ? 5.950   3.234   -1.285  1.00 23.80 ? 306 VAL A CB  1 
ATOM   113 C  CG1 . VAL A 1 14 ? 6.810   3.663   -0.069  1.00 26.28 ? 306 VAL A CG1 1 
ATOM   114 C  CG2 . VAL A 1 14 ? 5.134   4.386   -1.811  1.00 26.13 ? 306 VAL A CG2 1 
ATOM   115 N  N   . ASN A 1 15 ? 8.786   1.326   -1.646  1.00 21.52 ? 307 ASN A N   1 
ATOM   116 C  CA  . ASN A 1 15 ? 9.450   0.263   -0.875  1.00 21.35 ? 307 ASN A CA  1 
ATOM   117 C  C   . ASN A 1 15 ? 9.385   0.588   0.610   1.00 19.76 ? 307 ASN A C   1 
ATOM   118 O  O   . ASN A 1 15 ? 10.085  1.478   1.116   1.00 20.94 ? 307 ASN A O   1 
ATOM   119 C  CB  . ASN A 1 15 ? 10.896  0.095   -1.304  1.00 22.45 ? 307 ASN A CB  1 
ATOM   120 C  CG  . ASN A 1 15 ? 11.532  -1.163  -0.737  1.00 25.75 ? 307 ASN A CG  1 
ATOM   121 O  OD1 . ASN A 1 15 ? 11.095  -1.719  0.288   1.00 26.29 ? 307 ASN A OD1 1 
ATOM   122 N  ND2 . ASN A 1 15 ? 12.555  -1.652  -1.427  1.00 32.25 ? 307 ASN A ND2 1 
ATOM   123 N  N   . ASP A 1 16 ? 8.508   -0.112  1.316   1.00 18.15 ? 308 ASP A N   1 
ATOM   124 C  CA  . ASP A 1 16 ? 8.310   0.052   2.738   1.00 16.62 ? 308 ASP A CA  1 
ATOM   125 C  C   . ASP A 1 16 ? 9.003   -1.004  3.608   1.00 17.27 ? 308 ASP A C   1 
ATOM   126 O  O   . ASP A 1 16 ? 8.792   -1.048  4.822   1.00 19.09 ? 308 ASP A O   1 
ATOM   127 C  CB  . ASP A 1 16 ? 6.821   0.162   3.072   1.00 16.34 ? 308 ASP A CB  1 
ATOM   128 C  CG  . ASP A 1 16 ? 6.042   -1.099  2.770   1.00 16.05 ? 308 ASP A CG  1 
ATOM   129 O  OD1 . ASP A 1 16 ? 6.693   -2.139  2.548   1.00 15.08 ? 308 ASP A OD1 1 
ATOM   130 O  OD2 . ASP A 1 16 ? 4.786   -1.072  2.750   1.00 16.09 ? 308 ASP A OD2 1 
ATOM   131 N  N   . GLY A 1 17 ? 9.863   -1.775  2.971   1.00 18.34 ? 309 GLY A N   1 
ATOM   132 C  CA  . GLY A 1 17 ? 10.711  -2.762  3.640   1.00 18.75 ? 309 GLY A CA  1 
ATOM   133 C  C   . GLY A 1 17 ? 10.042  -4.104  3.765   1.00 19.09 ? 309 GLY A C   1 
ATOM   134 O  O   . GLY A 1 17 ? 10.677  -5.115  4.054   1.00 20.72 ? 309 GLY A O   1 
ATOM   135 N  N   . TYR A 1 18 ? 8.756   -4.131  3.488   1.00 16.97 ? 310 TYR A N   1 
ATOM   136 C  CA  . TYR A 1 18 ? 8.014   -5.388  3.463   1.00 16.81 ? 310 TYR A CA  1 
ATOM   137 C  C   . TYR A 1 18 ? 7.766   -5.825  2.017   1.00 16.92 ? 310 TYR A C   1 
ATOM   138 O  O   . TYR A 1 18 ? 7.990   -5.059  1.064   1.00 17.82 ? 310 TYR A O   1 
ATOM   139 C  CB  . TYR A 1 18 ? 6.699   -5.269  4.233   1.00 16.17 ? 310 TYR A CB  1 
ATOM   140 C  CG  . TYR A 1 18 ? 6.899   -5.072  5.683   1.00 16.90 ? 310 TYR A CG  1 
ATOM   141 C  CD1 . TYR A 1 18 ? 7.033   -6.149  6.560   1.00 16.32 ? 310 TYR A CD1 1 
ATOM   142 C  CD2 . TYR A 1 18 ? 6.979   -3.800  6.218   1.00 18.92 ? 310 TYR A CD2 1 
ATOM   143 C  CE1 . TYR A 1 18 ? 7.233   -5.966  7.914   1.00 17.82 ? 310 TYR A CE1 1 
ATOM   144 C  CE2 . TYR A 1 18 ? 7.177   -3.607  7.573   1.00 19.54 ? 310 TYR A CE2 1 
ATOM   145 C  CZ  . TYR A 1 18 ? 7.315   -4.699  8.412   1.00 19.40 ? 310 TYR A CZ  1 
ATOM   146 O  OH  . TYR A 1 18 ? 7.502   -4.447  9.741   1.00 20.95 ? 310 TYR A OH  1 
ATOM   147 N  N   . ARG A 1 19 ? 7.309   -7.056  1.853   1.00 16.90 ? 311 ARG A N   1 
ATOM   148 C  CA  . ARG A 1 19 ? 6.944   -7.592  0.565   1.00 17.31 ? 311 ARG A CA  1 
ATOM   149 C  C   . ARG A 1 19 ? 5.453   -7.897  0.497   1.00 16.77 ? 311 ARG A C   1 
ATOM   150 O  O   . ARG A 1 19 ? 4.838   -8.257  1.502   1.00 15.94 ? 311 ARG A O   1 
ATOM   151 C  CB  . ARG A 1 19 ? 7.806   -8.775  0.201   1.00 18.91 ? 311 ARG A CB  1 
ATOM   152 C  CG  . ARG A 1 19 ? 9.235   -8.284  -0.048  1.00 23.73 ? 311 ARG A CG  1 
ATOM   153 C  CD  . ARG A 1 19 ? 10.021  -9.175  -0.936  1.00 27.97 ? 311 ARG A CD  1 
ATOM   154 N  NE  . ARG A 1 19 ? 10.454  -10.346 -0.184  1.00 30.33 ? 311 ARG A NE  1 
ATOM   155 C  CZ  . ARG A 1 19 ? 11.576  -10.411 0.509   1.00 30.66 ? 311 ARG A CZ  1 
ATOM   156 N  NH1 . ARG A 1 19 ? 12.455  -9.382  0.510   1.00 31.65 ? 311 ARG A NH1 1 
ATOM   157 N  NH2 . ARG A 1 19 ? 11.857  -11.537 1.158   1.00 30.14 ? 311 ARG A NH2 1 
ATOM   158 N  N   . TRP A 1 20 ? 4.912   -7.661  -0.688  1.00 15.18 ? 312 TRP A N   1 
ATOM   159 C  CA  . TRP A 1 20 ? 3.473   -7.579  -0.915  1.00 14.36 ? 312 TRP A CA  1 
ATOM   160 C  C   . TRP A 1 20 ? 3.098   -8.272  -2.196  1.00 14.18 ? 312 TRP A C   1 
ATOM   161 O  O   . TRP A 1 20 ? 3.866   -8.350  -3.158  1.00 14.81 ? 312 TRP A O   1 
ATOM   162 C  CB  . TRP A 1 20 ? 3.020   -6.109  -0.999  1.00 13.63 ? 312 TRP A CB  1 
ATOM   163 C  CG  . TRP A 1 20 ? 3.463   -5.331  0.152   1.00 13.33 ? 312 TRP A CG  1 
ATOM   164 C  CD1 . TRP A 1 20 ? 4.624   -4.632  0.264   1.00 13.25 ? 312 TRP A CD1 1 
ATOM   165 C  CD2 . TRP A 1 20 ? 2.809   -5.220  1.423   1.00 14.51 ? 312 TRP A CD2 1 
ATOM   166 N  NE1 . TRP A 1 20 ? 4.722   -4.057  1.507   1.00 13.97 ? 312 TRP A NE1 1 
ATOM   167 C  CE2 . TRP A 1 20 ? 3.619   -4.396  2.244   1.00 13.53 ? 312 TRP A CE2 1 
ATOM   168 C  CE3 . TRP A 1 20 ? 1.596   -5.684  1.943   1.00 14.64 ? 312 TRP A CE3 1 
ATOM   169 C  CZ2 . TRP A 1 20 ? 3.288   -4.102  3.546   1.00 14.82 ? 312 TRP A CZ2 1 
ATOM   170 C  CZ3 . TRP A 1 20 ? 1.267   -5.359  3.245   1.00 13.24 ? 312 TRP A CZ3 1 
ATOM   171 C  CH2 . TRP A 1 20 ? 2.111   -4.595  4.029   1.00 13.76 ? 312 TRP A CH2 1 
ATOM   172 N  N   . ARG A 1 21 ? 1.879   -8.802  -2.197  1.00 14.46 ? 313 ARG A N   1 
ATOM   173 C  CA  . ARG A 1 21 ? 1.270   -9.382  -3.380  1.00 15.59 ? 313 ARG A CA  1 
ATOM   174 C  C   . ARG A 1 21 ? -0.004  -8.674  -3.717  1.00 14.84 ? 313 ARG A C   1 
ATOM   175 O  O   . ARG A 1 21 ? -0.914  -8.610  -2.910  1.00 15.92 ? 313 ARG A O   1 
ATOM   176 C  CB  . ARG A 1 21 ? 0.964   -10.839 -3.173  1.00 16.27 ? 313 ARG A CB  1 
ATOM   177 C  CG  . ARG A 1 21 ? 2.146   -11.654 -2.774  1.00 18.50 ? 313 ARG A CG  1 
ATOM   178 C  CD  . ARG A 1 21 ? 1.957   -13.112 -3.111  1.00 20.55 ? 313 ARG A CD  1 
ATOM   179 N  NE  . ARG A 1 21 ? 3.003   -13.982 -2.572  1.00 21.48 ? 313 ARG A NE  1 
ATOM   180 C  CZ  . ARG A 1 21 ? 2.971   -14.631 -1.396  1.00 18.50 ? 313 ARG A CZ  1 
ATOM   181 N  NH1 . ARG A 1 21 ? 1.970   -14.517 -0.550  1.00 21.87 ? 313 ARG A NH1 1 
ATOM   182 N  NH2 . ARG A 1 21 ? 3.973   -15.409 -1.073  1.00 22.84 ? 313 ARG A NH2 1 
ATOM   183 N  N   . LYS A 1 22 ? -0.064  -8.103  -4.901  1.00 15.59 ? 314 LYS A N   1 
ATOM   184 C  CA  . LYS A 1 22 ? -1.262  -7.427  -5.353  1.00 15.14 ? 314 LYS A CA  1 
ATOM   185 C  C   . LYS A 1 22 ? -2.342  -8.455  -5.674  1.00 15.73 ? 314 LYS A C   1 
ATOM   186 O  O   . LYS A 1 22 ? -2.064  -9.444  -6.358  1.00 17.91 ? 314 LYS A O   1 
ATOM   187 C  CB  . LYS A 1 22 ? -0.960  -6.564  -6.586  1.00 15.61 ? 314 LYS A CB  1 
ATOM   188 C  CG  . LYS A 1 22 ? -2.119  -5.650  -6.993  1.00 17.47 ? 314 LYS A CG  1 
ATOM   189 C  CD  . LYS A 1 22 ? -1.732  -4.732  -8.168  1.00 21.01 ? 314 LYS A CD  1 
ATOM   190 C  CE  . LYS A 1 22 ? -2.933  -4.055  -8.773  1.00 24.45 ? 314 LYS A CE  1 
ATOM   191 N  NZ  . LYS A 1 22 ? -2.484  -2.949  -9.704  1.00 27.64 ? 314 LYS A NZ  1 
ATOM   192 N  N   . TYR A 1 23 ? -3.577  -8.188  -5.269  1.00 16.42 ? 315 TYR A N   1 
ATOM   193 C  CA  . TYR A 1 23 ? -4.683  -9.090  -5.601  1.00 17.01 ? 315 TYR A CA  1 
ATOM   194 C  C   . TYR A 1 23 ? -5.875  -8.432  -6.308  1.00 18.15 ? 315 TYR A C   1 
ATOM   195 O  O   . TYR A 1 23 ? -6.808  -9.138  -6.773  1.00 20.17 ? 315 TYR A O   1 
ATOM   196 C  CB  . TYR A 1 23 ? -5.163  -9.815  -4.349  1.00 15.58 ? 315 TYR A CB  1 
ATOM   197 C  CG  . TYR A 1 23 ? -5.791  -8.992  -3.239  1.00 14.81 ? 315 TYR A CG  1 
ATOM   198 C  CD1 . TYR A 1 23 ? -7.149  -8.730  -3.219  1.00 14.53 ? 315 TYR A CD1 1 
ATOM   199 C  CD2 . TYR A 1 23 ? -5.015  -8.477  -2.182  1.00 16.13 ? 315 TYR A CD2 1 
ATOM   200 C  CE1 . TYR A 1 23 ? -7.725  -7.988  -2.218  1.00 16.44 ? 315 TYR A CE1 1 
ATOM   201 C  CE2 . TYR A 1 23 ? -5.590  -7.756  -1.161  1.00 17.80 ? 315 TYR A CE2 1 
ATOM   202 C  CZ  . TYR A 1 23 ? -6.953  -7.488  -1.197  1.00 16.92 ? 315 TYR A CZ  1 
ATOM   203 O  OH  . TYR A 1 23 ? -7.498  -6.777  -0.191  1.00 18.57 ? 315 TYR A OH  1 
ATOM   204 N  N   . GLY A 1 24 ? -5.891  -7.113  -6.377  1.00 18.87 ? 316 GLY A N   1 
ATOM   205 C  CA  . GLY A 1 24 ? -6.976  -6.427  -7.058  1.00 20.42 ? 316 GLY A CA  1 
ATOM   206 C  C   . GLY A 1 24 ? -6.782  -4.925  -7.149  1.00 21.34 ? 316 GLY A C   1 
ATOM   207 O  O   . GLY A 1 24 ? -5.815  -4.361  -6.636  1.00 19.65 ? 316 GLY A O   1 
ATOM   208 N  N   . GLN A 1 25 ? -7.722  -4.290  -7.841  1.00 22.83 ? 317 GLN A N   1 
ATOM   209 C  CA  . GLN A 1 25 ? -7.711  -2.861  -8.098  1.00 24.67 ? 317 GLN A CA  1 
ATOM   210 C  C   . GLN A 1 25 ? -9.149  -2.379  -8.083  1.00 24.98 ? 317 GLN A C   1 
ATOM   211 O  O   . GLN A 1 25 ? -10.063 -3.123  -8.444  1.00 25.98 ? 317 GLN A O   1 
ATOM   212 C  CB  . GLN A 1 25 ? -7.162  -2.552  -9.465  1.00 25.29 ? 317 GLN A CB  1 
ATOM   213 C  CG  . GLN A 1 25 ? -5.732  -2.724  -9.668  1.00 30.65 ? 317 GLN A CG  1 
ATOM   214 C  CD  . GLN A 1 25 ? -5.352  -2.313  -11.071 1.00 36.51 ? 317 GLN A CD  1 
ATOM   215 O  OE1 . GLN A 1 25 ? -6.182  -2.388  -11.981 1.00 41.80 ? 317 GLN A OE1 1 
ATOM   216 N  NE2 . GLN A 1 25 ? -4.130  -1.833  -11.242 1.00 39.47 ? 317 GLN A NE2 1 
ATOM   217 N  N   . LYS A 1 26 ? -9.369  -1.150  -7.637  1.00 24.49 ? 318 LYS A N   1 
ATOM   218 C  CA  . LYS A 1 26 ? -10.675 -0.513  -7.804  1.00 25.47 ? 318 LYS A CA  1 
ATOM   219 C  C   . LYS A 1 26 ? -10.446 0.886   -8.350  1.00 25.16 ? 318 LYS A C   1 
ATOM   220 O  O   . LYS A 1 26 ? -9.411  1.491   -8.123  1.00 23.14 ? 318 LYS A O   1 
ATOM   221 C  CB  . LYS A 1 26 ? -11.438 -0.415  -6.492  1.00 26.25 ? 318 LYS A CB  1 
ATOM   222 C  CG  . LYS A 1 26 ? -11.661 -1.747  -5.759  1.00 29.97 ? 318 LYS A CG  1 
ATOM   223 C  CD  . LYS A 1 26 ? -12.911 -2.443  -6.196  1.00 35.87 ? 318 LYS A CD  1 
ATOM   224 C  CE  . LYS A 1 26 ? -13.227 -3.628  -5.280  1.00 38.26 ? 318 LYS A CE  1 
ATOM   225 N  NZ  . LYS A 1 26 ? -14.602 -4.098  -5.557  1.00 43.15 ? 318 LYS A NZ  1 
ATOM   226 N  N   . SER A 1 27 ? -11.426 1.391   -9.075  1.00 24.75 ? 319 SER A N   1 
ATOM   227 C  CA  . SER A 1 27 ? -11.393 2.786   -9.504  1.00 25.91 ? 319 SER A CA  1 
ATOM   228 C  C   . SER A 1 27 ? -11.457 3.770   -8.328  1.00 26.26 ? 319 SER A C   1 
ATOM   229 O  O   . SER A 1 27 ? -11.992 3.487   -7.247  1.00 26.21 ? 319 SER A O   1 
ATOM   230 C  CB  . SER A 1 27 ? -12.544 3.048   -10.483 1.00 26.51 ? 319 SER A CB  1 
ATOM   231 O  OG  . SER A 1 27 ? -13.751 3.035   -9.783  1.00 29.84 ? 319 SER A OG  1 
ATOM   232 N  N   . VAL A 1 28 ? -10.921 4.954   -8.562  1.00 26.91 ? 320 VAL A N   1 
ATOM   233 C  CA  . VAL A 1 28 ? -10.825 5.981   -7.542  1.00 28.15 ? 320 VAL A CA  1 
ATOM   234 C  C   . VAL A 1 28 ? -11.447 7.229   -8.117  1.00 28.84 ? 320 VAL A C   1 
ATOM   235 O  O   . VAL A 1 28 ? -11.006 7.721   -9.155  1.00 29.13 ? 320 VAL A O   1 
ATOM   236 C  CB  . VAL A 1 28 ? -9.362  6.234   -7.186  1.00 28.20 ? 320 VAL A CB  1 
ATOM   237 C  CG1 . VAL A 1 28 ? -9.208  7.472   -6.334  1.00 28.79 ? 320 VAL A CG1 1 
ATOM   238 C  CG2 . VAL A 1 28 ? -8.789  5.004   -6.469  1.00 29.39 ? 320 VAL A CG2 1 
ATOM   239 N  N   . LYS A 1 29 ? -12.495 7.724   -7.456  1.00 29.88 ? 321 LYS A N   1 
ATOM   240 C  CA  . LYS A 1 29 ? -13.098 8.994   -7.858  1.00 31.18 ? 321 LYS A CA  1 
ATOM   241 C  C   . LYS A 1 29 ? -12.062 10.120  -7.821  1.00 30.42 ? 321 LYS A C   1 
ATOM   242 O  O   . LYS A 1 29 ? -11.377 10.308  -6.807  1.00 32.06 ? 321 LYS A O   1 
ATOM   243 C  CB  . LYS A 1 29 ? -14.281 9.346   -6.951  1.00 31.80 ? 321 LYS A CB  1 
ATOM   244 C  CG  . LYS A 1 29 ? -15.163 10.436  -7.541  1.00 36.15 ? 321 LYS A CG  1 
ATOM   245 C  CD  . LYS A 1 29 ? -16.506 10.547  -6.815  1.00 39.92 ? 321 LYS A CD  1 
ATOM   246 C  CE  . LYS A 1 29 ? -17.094 11.964  -6.924  1.00 42.23 ? 321 LYS A CE  1 
ATOM   247 N  NZ  . LYS A 1 29 ? -17.060 12.494  -8.339  1.00 44.27 ? 321 LYS A NZ  1 
ATOM   248 N  N   . GLY A 1 30 ? -11.914 10.841  -8.934  1.00 29.97 ? 322 GLY A N   1 
ATOM   249 C  CA  . GLY A 1 30 ? -11.059 12.024  -8.988  1.00 28.14 ? 322 GLY A CA  1 
ATOM   250 C  C   . GLY A 1 30 ? -9.593  11.795  -9.340  1.00 27.15 ? 322 GLY A C   1 
ATOM   251 O  O   . GLY A 1 30 ? -8.796  12.744  -9.378  1.00 27.59 ? 322 GLY A O   1 
ATOM   252 N  N   . SER A 1 31 ? -9.213  10.544  -9.578  1.00 25.39 ? 323 SER A N   1 
ATOM   253 C  CA  . SER A 1 31 ? -7.814  10.214  -9.920  1.00 25.06 ? 323 SER A CA  1 
ATOM   254 C  C   . SER A 1 31 ? -7.810  9.414   -11.206 1.00 24.42 ? 323 SER A C   1 
ATOM   255 O  O   . SER A 1 31 ? -8.680  8.579   -11.391 1.00 24.53 ? 323 SER A O   1 
ATOM   256 C  CB  . SER A 1 31 ? -7.133  9.376   -8.824  1.00 24.44 ? 323 SER A CB  1 
ATOM   257 O  OG  . SER A 1 31 ? -5.747  9.138   -9.118  1.00 23.80 ? 323 SER A OG  1 
ATOM   258 N  N   . PRO A 1 32 ? -6.812  9.622   -12.067 1.00 24.28 ? 324 PRO A N   1 
ATOM   259 C  CA  . PRO A 1 32 ? -6.685  8.754   -13.251 1.00 23.47 ? 324 PRO A CA  1 
ATOM   260 C  C   . PRO A 1 32 ? -6.410  7.297   -12.920 1.00 23.17 ? 324 PRO A C   1 
ATOM   261 O  O   . PRO A 1 32 ? -6.711  6.435   -13.754 1.00 22.61 ? 324 PRO A O   1 
ATOM   262 C  CB  . PRO A 1 32 ? -5.497  9.363   -14.012 1.00 23.12 ? 324 PRO A CB  1 
ATOM   263 C  CG  . PRO A 1 32 ? -5.437  10.804  -13.557 1.00 24.04 ? 324 PRO A CG  1 
ATOM   264 C  CD  . PRO A 1 32 ? -5.781  10.679  -12.065 1.00 24.62 ? 324 PRO A CD  1 
ATOM   265 N  N   . TYR A 1 33 ? -5.865  7.018   -11.726 1.00 22.93 ? 325 TYR A N   1 
ATOM   266 C  CA  . TYR A 1 33 ? -5.232  5.730   -11.457 1.00 23.08 ? 325 TYR A CA  1 
ATOM   267 C  C   . TYR A 1 33 ? -6.055  4.945   -10.475 1.00 22.65 ? 325 TYR A C   1 
ATOM   268 O  O   . TYR A 1 33 ? -6.814  5.502   -9.672  1.00 22.18 ? 325 TYR A O   1 
ATOM   269 C  CB  . TYR A 1 33 ? -3.813  5.945   -10.887 1.00 23.83 ? 325 TYR A CB  1 
ATOM   270 C  CG  . TYR A 1 33 ? -2.964  6.837   -11.761 1.00 24.62 ? 325 TYR A CG  1 
ATOM   271 C  CD1 . TYR A 1 33 ? -2.453  6.374   -12.958 1.00 24.04 ? 325 TYR A CD1 1 
ATOM   272 C  CD2 . TYR A 1 33 ? -2.722  8.175   -11.416 1.00 25.46 ? 325 TYR A CD2 1 
ATOM   273 C  CE1 . TYR A 1 33 ? -1.671  7.194   -13.772 1.00 25.60 ? 325 TYR A CE1 1 
ATOM   274 C  CE2 . TYR A 1 33 ? -1.958  9.015   -12.249 1.00 27.04 ? 325 TYR A CE2 1 
ATOM   275 C  CZ  . TYR A 1 33 ? -1.434  8.501   -13.426 1.00 26.54 ? 325 TYR A CZ  1 
ATOM   276 O  OH  . TYR A 1 33 ? -0.669  9.285   -14.242 1.00 23.66 ? 325 TYR A OH  1 
ATOM   277 N  N   . PRO A 1 34 ? -5.915  3.635   -10.502 1.00 23.01 ? 326 PRO A N   1 
ATOM   278 C  CA  . PRO A 1 34 ? -6.714  2.871   -9.570  1.00 22.66 ? 326 PRO A CA  1 
ATOM   279 C  C   . PRO A 1 34 ? -6.056  2.820   -8.188  1.00 21.68 ? 326 PRO A C   1 
ATOM   280 O  O   . PRO A 1 34 ? -4.912  3.259   -7.975  1.00 22.33 ? 326 PRO A O   1 
ATOM   281 C  CB  . PRO A 1 34 ? -6.753  1.503   -10.200 1.00 23.61 ? 326 PRO A CB  1 
ATOM   282 C  CG  . PRO A 1 34 ? -5.438  1.359   -10.827 1.00 24.18 ? 326 PRO A CG  1 
ATOM   283 C  CD  . PRO A 1 34 ? -5.049  2.773   -11.324 1.00 24.45 ? 326 PRO A CD  1 
ATOM   284 N  N   . ARG A 1 35 ? -6.836  2.262   -7.275  1.00 20.19 ? 327 ARG A N   1 
ATOM   285 C  CA  . ARG A 1 35 ? -6.368  1.903   -5.952  1.00 19.20 ? 327 ARG A CA  1 
ATOM   286 C  C   . ARG A 1 35 ? -6.009  0.458   -6.056  1.00 19.05 ? 327 ARG A C   1 
ATOM   287 O  O   . ARG A 1 35 ? -6.833  -0.339  -6.530  1.00 19.80 ? 327 ARG A O   1 
ATOM   288 C  CB  . ARG A 1 35 ? -7.471  2.073   -4.928  1.00 18.00 ? 327 ARG A CB  1 
ATOM   289 C  CG  . ARG A 1 35 ? -7.120  1.533   -3.541  1.00 18.67 ? 327 ARG A CG  1 
ATOM   290 C  CD  . ARG A 1 35 ? -8.287  1.587   -2.609  1.00 18.80 ? 327 ARG A CD  1 
ATOM   291 N  NE  . ARG A 1 35 ? -8.536  2.905   -2.085  1.00 21.42 ? 327 ARG A NE  1 
ATOM   292 C  CZ  . ARG A 1 35 ? -9.414  3.175   -1.120  1.00 26.97 ? 327 ARG A CZ  1 
ATOM   293 N  NH1 . ARG A 1 35 ? -10.199 2.221   -0.602  1.00 28.25 ? 327 ARG A NH1 1 
ATOM   294 N  NH2 . ARG A 1 35 ? -9.522  4.407   -0.674  1.00 29.03 ? 327 ARG A NH2 1 
ATOM   295 N  N   . SER A 1 36 ? -4.813  0.119   -5.602  1.00 17.27 ? 328 SER A N   1 
ATOM   296 C  CA  . SER A 1 36 ? -4.270  -1.234  -5.676  1.00 17.12 ? 328 SER A CA  1 
ATOM   297 C  C   . SER A 1 36 ? -4.350  -1.853  -4.287  1.00 15.43 ? 328 SER A C   1 
ATOM   298 O  O   . SER A 1 36 ? -4.032  -1.207  -3.279  1.00 15.89 ? 328 SER A O   1 
ATOM   299 C  CB  . SER A 1 36 ? -2.832  -1.230  -6.166  1.00 18.42 ? 328 SER A CB  1 
ATOM   300 O  OG  . SER A 1 36 ? -2.762  -0.880  -7.550  1.00 21.67 ? 328 SER A OG  1 
ATOM   301 N  N   . TYR A 1 37 ? -4.810  -3.104  -4.258  1.00 14.64 ? 329 TYR A N   1 
ATOM   302 C  CA  . TYR A 1 37 ? -4.974  -3.844  -3.033  1.00 15.53 ? 329 TYR A CA  1 
ATOM   303 C  C   . TYR A 1 37 ? -3.921  -4.944  -2.963  1.00 14.73 ? 329 TYR A C   1 
ATOM   304 O  O   . TYR A 1 37 ? -3.727  -5.708  -3.905  1.00 14.91 ? 329 TYR A O   1 
ATOM   305 C  CB  . TYR A 1 37 ? -6.377  -4.454  -2.971  1.00 14.89 ? 329 TYR A CB  1 
ATOM   306 C  CG  . TYR A 1 37 ? -7.478  -3.450  -2.760  1.00 14.34 ? 329 TYR A CG  1 
ATOM   307 C  CD1 . TYR A 1 37 ? -7.937  -3.169  -1.494  1.00 17.09 ? 329 TYR A CD1 1 
ATOM   308 C  CD2 . TYR A 1 37 ? -8.025  -2.763  -3.829  1.00 19.79 ? 329 TYR A CD2 1 
ATOM   309 C  CE1 . TYR A 1 37 ? -8.961  -2.255  -1.280  1.00 20.54 ? 329 TYR A CE1 1 
ATOM   310 C  CE2 . TYR A 1 37 ? -9.053  -1.838  -3.607  1.00 19.25 ? 329 TYR A CE2 1 
ATOM   311 C  CZ  . TYR A 1 37 ? -9.491  -1.605  -2.335  1.00 19.08 ? 329 TYR A CZ  1 
ATOM   312 O  OH  . TYR A 1 37 ? -10.512 -0.679  -2.106  1.00 25.58 ? 329 TYR A OH  1 
ATOM   313 N  N   . TYR A 1 38 ? -3.287  -5.039  -1.787  1.00 14.09 ? 330 TYR A N   1 
ATOM   314 C  CA  . TYR A 1 38 ? -2.200  -5.982  -1.527  1.00 13.94 ? 330 TYR A CA  1 
ATOM   315 C  C   . TYR A 1 38 ? -2.400  -6.719  -0.217  1.00 13.56 ? 330 TYR A C   1 
ATOM   316 O  O   . TYR A 1 38 ? -3.000  -6.213  0.718   1.00 15.00 ? 330 TYR A O   1 
ATOM   317 C  CB  . TYR A 1 38 ? -0.844  -5.272  -1.414  1.00 14.29 ? 330 TYR A CB  1 
ATOM   318 C  CG  . TYR A 1 38 ? -0.438  -4.393  -2.565  1.00 14.49 ? 330 TYR A CG  1 
ATOM   319 C  CD1 . TYR A 1 38 ? 0.483   -4.852  -3.508  1.00 14.22 ? 330 TYR A CD1 1 
ATOM   320 C  CD2 . TYR A 1 38 ? -0.925  -3.105  -2.687  1.00 14.82 ? 330 TYR A CD2 1 
ATOM   321 C  CE1 . TYR A 1 38 ? 0.874   -4.059  -4.546  1.00 14.97 ? 330 TYR A CE1 1 
ATOM   322 C  CE2 . TYR A 1 38 ? -0.550  -2.317  -3.731  1.00 15.59 ? 330 TYR A CE2 1 
ATOM   323 C  CZ  . TYR A 1 38 ? 0.357   -2.793  -4.656  1.00 15.50 ? 330 TYR A CZ  1 
ATOM   324 O  OH  . TYR A 1 38 ? 0.762   -1.985  -5.717  1.00 18.91 ? 330 TYR A OH  1 
ATOM   325 N  N   . ARG A 1 39 ? -1.868  -7.927  -0.140  1.00 14.22 ? 331 ARG A N   1 
ATOM   326 C  CA  . ARG A 1 39 ? -1.632  -8.631  1.135   1.00 14.13 ? 331 ARG A CA  1 
ATOM   327 C  C   . ARG A 1 39 ? -0.135  -8.762  1.359   1.00 14.21 ? 331 ARG A C   1 
ATOM   328 O  O   . ARG A 1 39 ? 0.647   -8.905  0.418   1.00 14.46 ? 331 ARG A O   1 
ATOM   329 C  CB  . ARG A 1 39 ? -2.227  -10.051 1.088   1.00 15.40 ? 331 ARG A CB  1 
ATOM   330 C  CG  . ARG A 1 39 ? -3.735  -10.094 1.037   1.00 17.63 ? 331 ARG A CG  1 
ATOM   331 C  CD  . ARG A 1 39 ? -4.329  -11.429 1.334   1.00 24.44 ? 331 ARG A CD  1 
ATOM   332 N  NE  . ARG A 1 39 ? -5.739  -11.207 1.606   1.00 27.05 ? 331 ARG A NE  1 
ATOM   333 C  CZ  . ARG A 1 39 ? -6.705  -11.206 0.702   1.00 25.96 ? 331 ARG A CZ  1 
ATOM   334 N  NH1 . ARG A 1 39 ? -6.439  -11.517 -0.577  1.00 23.06 ? 331 ARG A NH1 1 
ATOM   335 N  NH2 . ARG A 1 39 ? -7.945  -10.887 1.112   1.00 25.78 ? 331 ARG A NH2 1 
ATOM   336 N  N   . CYS A 1 40 ? 0.283   -8.737  2.620   1.00 13.16 ? 332 CYS A N   1 
ATOM   337 C  CA  . CYS A 1 40 ? 1.664   -9.059  2.939   1.00 13.55 ? 332 CYS A CA  1 
ATOM   338 C  C   . CYS A 1 40 ? 2.004   -10.455 2.372   1.00 13.79 ? 332 CYS A C   1 
ATOM   339 O  O   . CYS A 1 40 ? 1.169   -11.378 2.403   1.00 16.49 ? 332 CYS A O   1 
ATOM   340 C  CB  . CYS A 1 40 ? 1.887   -8.985  4.437   1.00 13.81 ? 332 CYS A CB  1 
ATOM   341 S  SG  . CYS A 1 40 ? 3.566   -9.340  4.945   1.00 13.26 ? 332 CYS A SG  1 
ATOM   342 N  N   . SER A 1 41 ? 3.220   -10.627 1.857   1.00 13.84 ? 333 SER A N   1 
ATOM   343 C  CA  . SER A 1 41 ? 3.633   -11.898 1.246   1.00 14.29 ? 333 SER A CA  1 
ATOM   344 C  C   . SER A 1 41 ? 4.150   -12.941 2.276   1.00 13.54 ? 333 SER A C   1 
ATOM   345 O  O   . SER A 1 41 ? 4.330   -14.092 1.953   1.00 14.89 ? 333 SER A O   1 
ATOM   346 C  CB  . SER A 1 41 ? 4.675   -11.641 0.159   1.00 15.95 ? 333 SER A CB  1 
ATOM   347 O  OG  . SER A 1 41 ? 5.794   -11.055 0.742   1.00 20.85 ? 333 SER A OG  1 
ATOM   348 N  N   . SER A 1 42 ? 4.324   -12.533 3.528   1.00 13.53 ? 334 SER A N   1 
ATOM   349 C  CA  . SER A 1 42 ? 4.902   -13.427 4.515   1.00 12.99 ? 334 SER A CA  1 
ATOM   350 C  C   . SER A 1 42 ? 3.865   -14.468 4.904   1.00 14.99 ? 334 SER A C   1 
ATOM   351 O  O   . SER A 1 42 ? 2.690   -14.128 5.220   1.00 14.67 ? 334 SER A O   1 
ATOM   352 C  CB  . SER A 1 42 ? 5.301   -12.619 5.738   1.00 12.85 ? 334 SER A CB  1 
ATOM   353 O  OG  . SER A 1 42 ? 6.038   -13.407 6.639   1.00 13.63 ? 334 SER A OG  1 
ATOM   354 N  N   . PRO A 1 43 ? 4.258   -15.734 4.918   1.00 15.18 ? 335 PRO A N   1 
ATOM   355 C  CA  . PRO A 1 43 ? 3.299   -16.809 5.220   1.00 15.83 ? 335 PRO A CA  1 
ATOM   356 C  C   . PRO A 1 43 ? 2.565   -16.595 6.549   1.00 16.49 ? 335 PRO A C   1 
ATOM   357 O  O   . PRO A 1 43 ? 3.196   -16.361 7.584   1.00 16.23 ? 335 PRO A O   1 
ATOM   358 C  CB  . PRO A 1 43 ? 4.193   -18.062 5.253   1.00 15.78 ? 335 PRO A CB  1 
ATOM   359 C  CG  . PRO A 1 43 ? 5.316   -17.708 4.367   1.00 16.88 ? 335 PRO A CG  1 
ATOM   360 C  CD  . PRO A 1 43 ? 5.617   -16.252 4.647   1.00 14.83 ? 335 PRO A CD  1 
ATOM   361 N  N   . GLY A 1 44 ? 1.237   -16.631 6.489   1.00 17.28 ? 336 GLY A N   1 
ATOM   362 C  CA  . GLY A 1 44 ? 0.404   -16.523 7.662   1.00 17.02 ? 336 GLY A CA  1 
ATOM   363 C  C   . GLY A 1 44 ? 0.169   -15.119 8.200   1.00 17.15 ? 336 GLY A C   1 
ATOM   364 O  O   . GLY A 1 44 ? -0.530  -14.956 9.195   1.00 18.32 ? 336 GLY A O   1 
ATOM   365 N  N   . CYS A 1 45 ? 0.798   -14.113 7.586   1.00 15.79 ? 337 CYS A N   1 
ATOM   366 C  CA  . CYS A 1 45 ? 0.717   -12.743 8.082   1.00 14.96 ? 337 CYS A CA  1 
ATOM   367 C  C   . CYS A 1 45 ? -0.648  -12.177 7.735   1.00 14.30 ? 337 CYS A C   1 
ATOM   368 O  O   . CYS A 1 45 ? -1.117  -12.357 6.579   1.00 15.74 ? 337 CYS A O   1 
ATOM   369 C  CB  . CYS A 1 45 ? 1.813   -11.837 7.486   1.00 14.69 ? 337 CYS A CB  1 
ATOM   370 S  SG  . CYS A 1 45 ? 1.747   -10.228 8.285   1.00 13.55 ? 337 CYS A SG  1 
ATOM   371 N  N   . PRO A 1 46 ? -1.313  -11.527 8.700   1.00 14.57 ? 338 PRO A N   1 
ATOM   372 C  CA  . PRO A 1 46 ? -2.628  -10.921 8.430   1.00 14.68 ? 338 PRO A CA  1 
ATOM   373 C  C   . PRO A 1 46 ? -2.641  -9.543  7.783   1.00 15.55 ? 338 PRO A C   1 
ATOM   374 O  O   . PRO A 1 46 ? -3.734  -8.977  7.557   1.00 15.24 ? 338 PRO A O   1 
ATOM   375 C  CB  . PRO A 1 46 ? -3.255  -10.864 9.808   1.00 15.26 ? 338 PRO A CB  1 
ATOM   376 C  CG  . PRO A 1 46 ? -2.099  -10.656 10.729  1.00 15.60 ? 338 PRO A CG  1 
ATOM   377 C  CD  . PRO A 1 46 ? -0.969  -11.437 10.146  1.00 14.78 ? 338 PRO A CD  1 
ATOM   378 N  N   . VAL A 1 47 ? -1.486  -8.955  7.527   1.00 14.43 ? 339 VAL A N   1 
ATOM   379 C  CA  . VAL A 1 47 ? -1.473  -7.568  7.104   1.00 14.70 ? 339 VAL A CA  1 
ATOM   380 C  C   . VAL A 1 47 ? -1.900  -7.408  5.642   1.00 13.74 ? 339 VAL A C   1 
ATOM   381 O  O   . VAL A 1 47 ? -1.580  -8.214  4.770   1.00 13.78 ? 339 VAL A O   1 
ATOM   382 C  CB  . VAL A 1 47 ? -0.090  -6.881  7.353   1.00 14.53 ? 339 VAL A CB  1 
ATOM   383 C  CG1 . VAL A 1 47 ? -0.085  -5.423  6.879   1.00 14.58 ? 339 VAL A CG1 1 
ATOM   384 C  CG2 . VAL A 1 47 ? 0.280   -6.915  8.823   1.00 14.15 ? 339 VAL A CG2 1 
ATOM   385 N  N   . LYS A 1 48 ? -2.672  -6.346  5.414   1.00 14.68 ? 340 LYS A N   1 
ATOM   386 C  CA  . LYS A 1 48 ? -3.081  -5.942  4.085   1.00 15.90 ? 340 LYS A CA  1 
ATOM   387 C  C   . LYS A 1 48 ? -2.812  -4.447  3.941   1.00 14.52 ? 340 LYS A C   1 
ATOM   388 O  O   . LYS A 1 48 ? -2.663  -3.734  4.944   1.00 15.86 ? 340 LYS A O   1 
ATOM   389 C  CB  . LYS A 1 48 ? -4.545  -6.243  3.787   1.00 18.54 ? 340 LYS A CB  1 
ATOM   390 C  CG  . LYS A 1 48 ? -5.551  -5.560  4.623   1.00 22.06 ? 340 LYS A CG  1 
ATOM   391 C  CD  . LYS A 1 48 ? -6.948  -6.016  4.159   1.00 28.46 ? 340 LYS A CD  1 
ATOM   392 C  CE  . LYS A 1 48 ? -8.067  -5.331  4.939   1.00 32.11 ? 340 LYS A CE  1 
ATOM   393 N  NZ  . LYS A 1 48 ? -9.388  -5.928  4.582   1.00 36.77 ? 340 LYS A NZ  1 
ATOM   394 N  N   . LYS A 1 49 ? -2.735  -3.974  2.710   1.00 14.77 ? 341 LYS A N   1 
ATOM   395 C  CA  . LYS A 1 49 ? -2.695  -2.531  2.475   1.00 14.40 ? 341 LYS A CA  1 
ATOM   396 C  C   . LYS A 1 49 ? -3.303  -2.194  1.147   1.00 13.85 ? 341 LYS A C   1 
ATOM   397 O  O   . LYS A 1 49 ? -3.415  -3.030  0.258   1.00 14.33 ? 341 LYS A O   1 
ATOM   398 C  CB  . LYS A 1 49 ? -1.254  -1.988  2.512   1.00 14.54 ? 341 LYS A CB  1 
ATOM   399 C  CG  . LYS A 1 49 ? -0.396  -2.273  1.285   1.00 15.10 ? 341 LYS A CG  1 
ATOM   400 C  CD  . LYS A 1 49 ? 1.031   -1.787  1.447   1.00 15.39 ? 341 LYS A CD  1 
ATOM   401 C  CE  . LYS A 1 49 ? 1.854   -1.953  0.212   1.00 15.39 ? 341 LYS A CE  1 
ATOM   402 N  NZ  . LYS A 1 49 ? 3.220   -1.295  0.380   1.00 15.48 ? 341 LYS A NZ  1 
ATOM   403 N  N   . HIS A 1 50 ? -3.717  -0.949  0.978   1.00 14.00 ? 342 HIS A N   1 
ATOM   404 C  CA  . HIS A 1 50 ? -4.077  -0.485  -0.357  1.00 14.18 ? 342 HIS A CA  1 
ATOM   405 C  C   . HIS A 1 50 ? -3.380  0.845   -0.616  1.00 13.94 ? 342 HIS A C   1 
ATOM   406 O  O   . HIS A 1 50 ? -3.016  1.557   0.334   1.00 14.60 ? 342 HIS A O   1 
ATOM   407 C  CB  . HIS A 1 50 ? -5.614  -0.420  -0.597  1.00 13.60 ? 342 HIS A CB  1 
ATOM   408 C  CG  . HIS A 1 50 ? -6.391  0.408   0.386   1.00 16.27 ? 342 HIS A CG  1 
ATOM   409 N  ND1 . HIS A 1 50 ? -6.342  1.789   0.420   1.00 19.72 ? 342 HIS A ND1 1 
ATOM   410 C  CD2 . HIS A 1 50 ? -7.293  0.043   1.329   1.00 18.51 ? 342 HIS A CD2 1 
ATOM   411 C  CE1 . HIS A 1 50 ? -7.156  2.229   1.365   1.00 19.23 ? 342 HIS A CE1 1 
ATOM   412 N  NE2 . HIS A 1 50 ? -7.733  1.192   1.939   1.00 21.97 ? 342 HIS A NE2 1 
ATOM   413 N  N   . VAL A 1 51 ? -3.194  1.154   -1.888  1.00 13.66 ? 343 VAL A N   1 
ATOM   414 C  CA  . VAL A 1 51 ? -2.371  2.271   -2.339  1.00 15.36 ? 343 VAL A CA  1 
ATOM   415 C  C   . VAL A 1 51 ? -3.082  3.030   -3.426  1.00 14.48 ? 343 VAL A C   1 
ATOM   416 O  O   . VAL A 1 51 ? -3.559  2.439   -4.402  1.00 15.84 ? 343 VAL A O   1 
ATOM   417 C  CB  . VAL A 1 51 ? -0.984  1.831   -2.826  1.00 15.23 ? 343 VAL A CB  1 
ATOM   418 C  CG1 . VAL A 1 51 ? -0.088  3.031   -3.112  1.00 16.26 ? 343 VAL A CG1 1 
ATOM   419 C  CG2 . VAL A 1 51 ? -0.291  0.880   -1.802  1.00 15.11 ? 343 VAL A CG2 1 
ATOM   420 N  N   . GLU A 1 52 ? -3.152  4.352   -3.265  1.00 15.37 ? 344 GLU A N   1 
ATOM   421 C  CA  . GLU A 1 52 ? -3.747  5.178   -4.291  1.00 14.72 ? 344 GLU A CA  1 
ATOM   422 C  C   . GLU A 1 52 ? -3.013  6.499   -4.384  1.00 15.49 ? 344 GLU A C   1 
ATOM   423 O  O   . GLU A 1 52 ? -2.515  6.986   -3.392  1.00 16.24 ? 344 GLU A O   1 
ATOM   424 C  CB  . GLU A 1 52 ? -5.238  5.393   -4.020  1.00 16.24 ? 344 GLU A CB  1 
ATOM   425 C  CG  . GLU A 1 52 ? -5.589  6.259   -2.843  1.00 18.95 ? 344 GLU A CG  1 
ATOM   426 C  CD  . GLU A 1 52 ? -7.121  6.412   -2.746  1.00 22.65 ? 344 GLU A CD  1 
ATOM   427 O  OE1 . GLU A 1 52 ? -7.852  5.406   -2.814  1.00 24.79 ? 344 GLU A OE1 1 
ATOM   428 O  OE2 . GLU A 1 52 ? -7.596  7.525   -2.640  1.00 25.15 ? 344 GLU A OE2 1 
ATOM   429 N  N   . ARG A 1 53 ? -2.943  7.086   -5.587  1.00 14.88 ? 345 ARG A N   1 
ATOM   430 C  CA  . ARG A 1 53 ? -2.418  8.447   -5.679  1.00 14.40 ? 345 ARG A CA  1 
ATOM   431 C  C   . ARG A 1 53 ? -3.492  9.459   -5.267  1.00 13.31 ? 345 ARG A C   1 
ATOM   432 O  O   . ARG A 1 53 ? -4.671  9.323   -5.584  1.00 14.93 ? 345 ARG A O   1 
ATOM   433 C  CB  . ARG A 1 53 ? -1.962  8.749   -7.108  1.00 14.80 ? 345 ARG A CB  1 
ATOM   434 C  CG  . ARG A 1 53 ? -1.197  10.100  -7.236  1.00 15.45 ? 345 ARG A CG  1 
ATOM   435 C  CD  . ARG A 1 53 ? -0.325  10.183  -8.438  1.00 16.93 ? 345 ARG A CD  1 
ATOM   436 N  NE  . ARG A 1 53 ? 0.780   9.243   -8.425  1.00 16.71 ? 345 ARG A NE  1 
ATOM   437 C  CZ  . ARG A 1 53 ? 1.938   9.424   -7.798  1.00 16.51 ? 345 ARG A CZ  1 
ATOM   438 N  NH1 . ARG A 1 53 ? 2.157   10.492  -7.062  1.00 15.67 ? 345 ARG A NH1 1 
ATOM   439 N  NH2 . ARG A 1 53 ? 2.865   8.491   -7.842  1.00 15.38 ? 345 ARG A NH2 1 
ATOM   440 N  N   . SER A 1 54 ? -3.064  10.464  -4.529  1.00 12.35 ? 346 SER A N   1 
ATOM   441 C  CA  . SER A 1 54 ? -3.948  11.509  -4.058  1.00 13.85 ? 346 SER A CA  1 
ATOM   442 C  C   . SER A 1 54 ? -4.513  12.335  -5.184  1.00 15.66 ? 346 SER A C   1 
ATOM   443 O  O   . SER A 1 54 ? -3.825  12.552  -6.171  1.00 16.17 ? 346 SER A O   1 
ATOM   444 C  CB  . SER A 1 54 ? -3.166  12.440  -3.140  1.00 13.39 ? 346 SER A CB  1 
ATOM   445 O  OG  . SER A 1 54 ? -3.963  13.509  -2.701  1.00 13.69 ? 346 SER A OG  1 
ATOM   446 N  N   . SER A 1 55 ? -5.760  12.773  -5.048  1.00 17.55 ? 347 SER A N   1 
ATOM   447 C  CA  . SER A 1 55 ? -6.336  13.788  -5.950  1.00 19.09 ? 347 SER A CA  1 
ATOM   448 C  C   . SER A 1 55 ? -6.266  15.170  -5.325  1.00 19.92 ? 347 SER A C   1 
ATOM   449 O  O   . SER A 1 55 ? -6.544  16.166  -5.994  1.00 21.57 ? 347 SER A O   1 
ATOM   450 C  CB  . SER A 1 55 ? -7.797  13.507  -6.275  1.00 21.00 ? 347 SER A CB  1 
ATOM   451 O  OG  . SER A 1 55 ? -8.556  13.489  -5.091  1.00 24.10 ? 347 SER A OG  1 
ATOM   452 N  N   . HIS A 1 56 ? -5.899  15.254  -4.052  1.00 17.76 ? 348 HIS A N   1 
ATOM   453 C  CA  . HIS A 1 56 ? -5.753  16.553  -3.389  1.00 17.32 ? 348 HIS A CA  1 
ATOM   454 C  C   . HIS A 1 56 ? -4.405  17.168  -3.641  1.00 17.73 ? 348 HIS A C   1 
ATOM   455 O  O   . HIS A 1 56 ? -4.269  18.397  -3.838  1.00 19.17 ? 348 HIS A O   1 
ATOM   456 C  CB  . HIS A 1 56 ? -6.000  16.403  -1.886  1.00 16.05 ? 348 HIS A CB  1 
ATOM   457 C  CG  . HIS A 1 56 ? -7.374  15.930  -1.563  1.00 17.79 ? 348 HIS A CG  1 
ATOM   458 N  ND1 . HIS A 1 56 ? -8.483  16.731  -1.706  1.00 19.26 ? 348 HIS A ND1 1 
ATOM   459 C  CD2 . HIS A 1 56 ? -7.830  14.717  -1.163  1.00 19.61 ? 348 HIS A CD2 1 
ATOM   460 C  CE1 . HIS A 1 56 ? -9.559  16.040  -1.370  1.00 19.29 ? 348 HIS A CE1 1 
ATOM   461 N  NE2 . HIS A 1 56 ? -9.194  14.814  -1.055  1.00 20.78 ? 348 HIS A NE2 1 
ATOM   462 N  N   . ASP A 1 57 ? -3.391  16.323  -3.647  1.00 15.41 ? 349 ASP A N   1 
ATOM   463 C  CA  . ASP A 1 57 ? -2.010  16.700  -3.906  1.00 16.42 ? 349 ASP A CA  1 
ATOM   464 C  C   . ASP A 1 57 ? -1.391  15.536  -4.645  1.00 15.71 ? 349 ASP A C   1 
ATOM   465 O  O   . ASP A 1 57 ? -0.989  14.549  -4.039  1.00 15.11 ? 349 ASP A O   1 
ATOM   466 C  CB  . ASP A 1 57 ? -1.284  16.969  -2.573  1.00 17.02 ? 349 ASP A CB  1 
ATOM   467 C  CG  . ASP A 1 57 ? 0.159   17.405  -2.747  1.00 19.76 ? 349 ASP A CG  1 
ATOM   468 O  OD1 . ASP A 1 57 ? 0.744   17.405  -3.879  1.00 20.90 ? 349 ASP A OD1 1 
ATOM   469 O  OD2 . ASP A 1 57 ? 0.855   17.685  -1.753  1.00 22.09 ? 349 ASP A OD2 1 
ATOM   470 N  N   . THR A 1 58 ? -1.340  15.619  -5.979  1.00 16.81 ? 350 THR A N   1 
ATOM   471 C  CA  . THR A 1 58 ? -0.973  14.434  -6.772  1.00 16.60 ? 350 THR A CA  1 
ATOM   472 C  C   . THR A 1 58 ? 0.482   14.024  -6.664  1.00 16.71 ? 350 THR A C   1 
ATOM   473 O  O   . THR A 1 58 ? 0.869   13.032  -7.224  1.00 17.64 ? 350 THR A O   1 
ATOM   474 C  CB  . THR A 1 58 ? -1.349  14.609  -8.252  1.00 17.36 ? 350 THR A CB  1 
ATOM   475 O  OG1 . THR A 1 58 ? -0.632  15.724  -8.796  1.00 17.89 ? 350 THR A OG1 1 
ATOM   476 C  CG2 . THR A 1 58 ? -2.822  14.917  -8.451  1.00 18.54 ? 350 THR A CG2 1 
ATOM   477 N  N   . LYS A 1 59 ? 1.298   14.757  -5.916  1.00 16.42 ? 351 LYS A N   1 
ATOM   478 C  CA  . LYS A 1 59 ? 2.652   14.316  -5.612  1.00 17.19 ? 351 LYS A CA  1 
ATOM   479 C  C   . LYS A 1 59 ? 2.646   13.188  -4.609  1.00 15.81 ? 351 LYS A C   1 
ATOM   480 O  O   . LYS A 1 59 ? 3.698   12.576  -4.402  1.00 16.67 ? 351 LYS A O   1 
ATOM   481 C  CB  . LYS A 1 59 ? 3.453   15.463  -4.981  1.00 18.06 ? 351 LYS A CB  1 
ATOM   482 C  CG  . LYS A 1 59 ? 3.627   16.667  -5.848  1.00 20.91 ? 351 LYS A CG  1 
ATOM   483 C  CD  . LYS A 1 59 ? 4.439   17.840  -5.162  1.00 25.25 ? 351 LYS A CD  1 
ATOM   484 C  CE  . LYS A 1 59 ? 3.970   18.206  -3.760  1.00 25.96 ? 351 LYS A CE  1 
ATOM   485 N  NZ  . LYS A 1 59 ? 2.803   19.171  -3.715  1.00 24.17 ? 351 LYS A NZ  1 
ATOM   486 N  N   . LEU A 1 60 ? 1.508   12.951  -3.949  1.00 14.18 ? 352 LEU A N   1 
ATOM   487 C  CA  . LEU A 1 60 ? 1.434   11.968  -2.870  1.00 14.98 ? 352 LEU A CA  1 
ATOM   488 C  C   . LEU A 1 60 ? 0.814   10.662  -3.250  1.00 14.29 ? 352 LEU A C   1 
ATOM   489 O  O   . LEU A 1 60 ? -0.243  10.616  -3.871  1.00 14.46 ? 352 LEU A O   1 
ATOM   490 C  CB  . LEU A 1 60 ? 0.643   12.513  -1.670  1.00 14.54 ? 352 LEU A CB  1 
ATOM   491 C  CG  . LEU A 1 60 ? 1.050   13.844  -1.080  1.00 15.44 ? 352 LEU A CG  1 
ATOM   492 C  CD1 . LEU A 1 60 ? 0.110   14.239  0.014   1.00 16.99 ? 352 LEU A CD1 1 
ATOM   493 C  CD2 . LEU A 1 60 ? 2.460   13.822  -0.573  1.00 17.36 ? 352 LEU A CD2 1 
ATOM   494 N  N   . LEU A 1 61 ? 1.438   9.589   -2.756  1.00 14.78 ? 353 LEU A N   1 
ATOM   495 C  CA  . LEU A 1 61 ? 0.842   8.262   -2.702  1.00 15.01 ? 353 LEU A CA  1 
ATOM   496 C  C   . LEU A 1 61 ? 0.345   8.043   -1.296  1.00 15.09 ? 353 LEU A C   1 
ATOM   497 O  O   . LEU A 1 61 ? 1.060   8.311   -0.324  1.00 15.02 ? 353 LEU A O   1 
ATOM   498 C  CB  . LEU A 1 61 ? 1.844   7.153   -3.033  1.00 17.04 ? 353 LEU A CB  1 
ATOM   499 C  CG  . LEU A 1 61 ? 2.114   6.713   -4.454  1.00 20.95 ? 353 LEU A CG  1 
ATOM   500 C  CD1 . LEU A 1 61 ? 2.991   5.438   -4.342  1.00 19.51 ? 353 LEU A CD1 1 
ATOM   501 C  CD2 . LEU A 1 61 ? 0.860   6.495   -5.275  1.00 19.43 ? 353 LEU A CD2 1 
ATOM   502 N  N   . ILE A 1 62 ? -0.883  7.554   -1.194  1.00 14.48 ? 354 ILE A N   1 
ATOM   503 C  CA  . ILE A 1 62 ? -1.542  7.320   0.083   1.00 15.08 ? 354 ILE A CA  1 
ATOM   504 C  C   . ILE A 1 62 ? -1.670  5.845   0.297   1.00 14.61 ? 354 ILE A C   1 
ATOM   505 O  O   . ILE A 1 62 ? -2.344  5.138   -0.461  1.00 14.08 ? 354 ILE A O   1 
ATOM   506 C  CB  . ILE A 1 62 ? -2.913  8.008   0.117   1.00 14.92 ? 354 ILE A CB  1 
ATOM   507 C  CG1 . ILE A 1 62 ? -2.819  9.462   -0.424  1.00 15.28 ? 354 ILE A CG1 1 
ATOM   508 C  CG2 . ILE A 1 62 ? -3.493  7.930   1.495   1.00 16.85 ? 354 ILE A CG2 1 
ATOM   509 C  CD1 . ILE A 1 62 ? -1.954  10.420  0.376   1.00 16.52 ? 354 ILE A CD1 1 
ATOM   510 N  N   . THR A 1 63 ? -1.004  5.351   1.338   1.00 14.67 ? 355 THR A N   1 
ATOM   511 C  CA  . THR A 1 63 ? -1.035  3.932   1.651   1.00 14.66 ? 355 THR A CA  1 
ATOM   512 C  C   . THR A 1 63 ? -1.793  3.732   2.956   1.00 14.74 ? 355 THR A C   1 
ATOM   513 O  O   . THR A 1 63 ? -1.483  4.385   3.966   1.00 16.21 ? 355 THR A O   1 
ATOM   514 C  CB  . THR A 1 63 ? 0.407   3.386   1.800   1.00 14.95 ? 355 THR A CB  1 
ATOM   515 O  OG1 . THR A 1 63 ? 1.112   3.492   0.555   1.00 15.69 ? 355 THR A OG1 1 
ATOM   516 C  CG2 . THR A 1 63 ? 0.420   1.893   2.128   1.00 15.47 ? 355 THR A CG2 1 
ATOM   517 N  N   . THR A 1 64 ? -2.741  2.805   2.957   1.00 14.62 ? 356 THR A N   1 
ATOM   518 C  CA  . THR A 1 64 ? -3.524  2.476   4.138   1.00 16.02 ? 356 THR A CA  1 
ATOM   519 C  C   . THR A 1 64 ? -3.264  1.031   4.504   1.00 16.64 ? 356 THR A C   1 
ATOM   520 O  O   . THR A 1 64 ? -3.605  0.148   3.731   1.00 16.47 ? 356 THR A O   1 
ATOM   521 C  CB  . THR A 1 64 ? -5.023  2.694   3.860   1.00 17.04 ? 356 THR A CB  1 
ATOM   522 O  OG1 . THR A 1 64 ? -5.237  4.050   3.411   1.00 17.54 ? 356 THR A OG1 1 
ATOM   523 C  CG2 . THR A 1 64 ? -5.855  2.533   5.117   1.00 19.12 ? 356 THR A CG2 1 
ATOM   524 N  N   . TYR A 1 65 ? -2.643  0.827   5.657   1.00 17.13 ? 357 TYR A N   1 
ATOM   525 C  CA  . TYR A 1 65 ? -2.343  -0.490  6.180   1.00 17.40 ? 357 TYR A CA  1 
ATOM   526 C  C   . TYR A 1 65 ? -3.389  -0.929  7.185   1.00 18.24 ? 357 TYR A C   1 
ATOM   527 O  O   . TYR A 1 65 ? -3.900  -0.100  7.934   1.00 20.14 ? 357 TYR A O   1 
ATOM   528 C  CB  . TYR A 1 65 ? -1.005  -0.481  6.897   1.00 15.94 ? 357 TYR A CB  1 
ATOM   529 C  CG  . TYR A 1 65 ? 0.208   -0.124  6.073   1.00 15.69 ? 357 TYR A CG  1 
ATOM   530 C  CD1 . TYR A 1 65 ? 0.944   -1.110  5.437   1.00 15.42 ? 357 TYR A CD1 1 
ATOM   531 C  CD2 . TYR A 1 65 ? 0.628   1.197   5.947   1.00 15.92 ? 357 TYR A CD2 1 
ATOM   532 C  CE1 . TYR A 1 65 ? 2.076   -0.796  4.701   1.00 16.48 ? 357 TYR A CE1 1 
ATOM   533 C  CE2 . TYR A 1 65 ? 1.742   1.522   5.225   1.00 15.73 ? 357 TYR A CE2 1 
ATOM   534 C  CZ  . TYR A 1 65 ? 2.495   0.524   4.621   1.00 14.66 ? 357 TYR A CZ  1 
ATOM   535 O  OH  . TYR A 1 65 ? 3.611   0.934   3.887   1.00 16.28 ? 357 TYR A OH  1 
ATOM   536 N  N   . GLU A 1 66 ? -3.667  -2.231  7.203   1.00 19.16 ? 358 GLU A N   1 
ATOM   537 C  CA  . GLU A 1 66 ? -4.516  -2.850  8.216   1.00 19.99 ? 358 GLU A CA  1 
ATOM   538 C  C   . GLU A 1 66 ? -3.858  -4.102  8.767   1.00 19.35 ? 358 GLU A C   1 
ATOM   539 O  O   . GLU A 1 66 ? -3.406  -4.945  8.022   1.00 18.62 ? 358 GLU A O   1 
ATOM   540 C  CB  . GLU A 1 66 ? -5.887  -3.184  7.648   1.00 21.40 ? 358 GLU A CB  1 
ATOM   541 C  CG  . GLU A 1 66 ? -6.886  -3.600  8.714   1.00 28.66 ? 358 GLU A CG  1 
ATOM   542 C  CD  . GLU A 1 66 ? -8.055  -2.629  8.853   1.00 34.54 ? 358 GLU A CD  1 
ATOM   543 O  OE1 . GLU A 1 66 ? -8.323  -2.195  9.992   1.00 40.88 ? 358 GLU A OE1 1 
ATOM   544 O  OE2 . GLU A 1 66 ? -8.709  -2.293  7.833   1.00 39.49 ? 358 GLU A OE2 1 
ATOM   545 N  N   . GLY A 1 67 ? -3.832  -4.232  10.088  1.00 19.65 ? 359 GLY A N   1 
ATOM   546 C  CA  . GLY A 1 67 ? -3.294  -5.419  10.705  1.00 19.26 ? 359 GLY A CA  1 
ATOM   547 C  C   . GLY A 1 67 ? -1.887  -5.175  11.196  1.00 19.08 ? 359 GLY A C   1 
ATOM   548 O  O   . GLY A 1 67 ? -1.255  -4.166  10.873  1.00 19.97 ? 359 GLY A O   1 
ATOM   549 N  N   . LYS A 1 68 ? -1.416  -6.119  11.993  1.00 19.13 ? 360 LYS A N   1 
ATOM   550 C  CA  . LYS A 1 68 ? -0.059  -6.079  12.543  1.00 19.77 ? 360 LYS A CA  1 
ATOM   551 C  C   . LYS A 1 68 ? 0.733   -7.276  12.028  1.00 17.75 ? 360 LYS A C   1 
ATOM   552 O  O   . LYS A 1 68 ? 0.248   -8.413  12.037  1.00 17.46 ? 360 LYS A O   1 
ATOM   553 C  CB  . LYS A 1 68 ? -0.094  -6.107  14.063  1.00 21.61 ? 360 LYS A CB  1 
ATOM   554 C  CG  . LYS A 1 68 ? -0.849  -4.948  14.686  1.00 27.01 ? 360 LYS A CG  1 
ATOM   555 C  CD  . LYS A 1 68 ? -1.272  -5.219  16.115  1.00 34.81 ? 360 LYS A CD  1 
ATOM   556 C  CE  . LYS A 1 68 ? -2.404  -4.276  16.567  1.00 38.39 ? 360 LYS A CE  1 
ATOM   557 N  NZ  . LYS A 1 68 ? -3.044  -4.772  17.830  1.00 43.77 ? 360 LYS A NZ  1 
ATOM   558 N  N   . HIS A 1 69 ? 1.950   -7.028  11.536  1.00 16.34 ? 361 HIS A N   1 
ATOM   559 C  CA  . HIS A 1 69 ? 2.799   -8.119  11.039  1.00 16.12 ? 361 HIS A CA  1 
ATOM   560 C  C   . HIS A 1 69 ? 3.171   -9.056  12.192  1.00 15.41 ? 361 HIS A C   1 
ATOM   561 O  O   . HIS A 1 69 ? 3.459   -8.595  13.277  1.00 17.40 ? 361 HIS A O   1 
ATOM   562 C  CB  . HIS A 1 69 ? 4.097   -7.577  10.431  1.00 15.94 ? 361 HIS A CB  1 
ATOM   563 C  CG  . HIS A 1 69 ? 3.912   -6.764  9.198   1.00 15.09 ? 361 HIS A CG  1 
ATOM   564 N  ND1 . HIS A 1 69 ? 3.653   -7.323  7.957   1.00 13.89 ? 361 HIS A ND1 1 
ATOM   565 C  CD2 . HIS A 1 69 ? 4.038   -5.439  8.993   1.00 15.81 ? 361 HIS A CD2 1 
ATOM   566 C  CE1 . HIS A 1 69 ? 3.578   -6.350  7.063   1.00 14.24 ? 361 HIS A CE1 1 
ATOM   567 N  NE2 . HIS A 1 69 ? 3.776   -5.196  7.675   1.00 17.09 ? 361 HIS A NE2 1 
ATOM   568 N  N   . ASP A 1 70 ? 3.162   -10.354 11.924  1.00 16.37 ? 362 ASP A N   1 
ATOM   569 C  CA  . ASP A 1 70 ? 3.582   -11.385 12.896  1.00 15.14 ? 362 ASP A CA  1 
ATOM   570 C  C   . ASP A 1 70 ? 5.025   -11.879 12.669  1.00 15.11 ? 362 ASP A C   1 
ATOM   571 O  O   . ASP A 1 70 ? 5.409   -12.981 13.039  1.00 16.16 ? 362 ASP A O   1 
ATOM   572 C  CB  . ASP A 1 70 ? 2.583   -12.530 12.929  1.00 14.70 ? 362 ASP A CB  1 
ATOM   573 C  CG  . ASP A 1 70 ? 2.615   -13.378 11.707  1.00 15.03 ? 362 ASP A CG  1 
ATOM   574 O  OD1 . ASP A 1 70 ? 3.196   -12.960 10.669  1.00 16.04 ? 362 ASP A OD1 1 
ATOM   575 O  OD2 . ASP A 1 70 ? 2.096   -14.523 11.689  1.00 18.64 ? 362 ASP A OD2 1 
ATOM   576 N  N   . HIS A 1 71 ? 5.822   -10.995 12.081  1.00 14.09 ? 363 HIS A N   1 
ATOM   577 C  CA  . HIS A 1 71 ? 7.154   -11.307 11.645  1.00 14.06 ? 363 HIS A CA  1 
ATOM   578 C  C   . HIS A 1 71 ? 7.914   -10.002 11.422  1.00 14.01 ? 363 HIS A C   1 
ATOM   579 O  O   . HIS A 1 71 ? 7.325   -8.923  11.263  1.00 13.65 ? 363 HIS A O   1 
ATOM   580 C  CB  . HIS A 1 71 ? 7.095   -12.103 10.346  1.00 15.23 ? 363 HIS A CB  1 
ATOM   581 C  CG  . HIS A 1 71 ? 6.509   -11.311 9.217   1.00 12.46 ? 363 HIS A CG  1 
ATOM   582 N  ND1 . HIS A 1 71 ? 7.290   -10.543 8.370   1.00 11.93 ? 363 HIS A ND1 1 
ATOM   583 C  CD2 . HIS A 1 71 ? 5.229   -11.052 8.892   1.00 13.09 ? 363 HIS A CD2 1 
ATOM   584 C  CE1 . HIS A 1 71 ? 6.492   -9.867  7.553   1.00 12.07 ? 363 HIS A CE1 1 
ATOM   585 N  NE2 . HIS A 1 71 ? 5.238   -10.177 7.835   1.00 11.04 ? 363 HIS A NE2 1 
ATOM   586 N  N   . ASP A 1 72 ? 9.235   -10.116 11.399  1.00 14.77 ? 364 ASP A N   1 
ATOM   587 C  CA  . ASP A 1 72 ? 10.117  -9.011  11.081  1.00 14.97 ? 364 ASP A CA  1 
ATOM   588 C  C   . ASP A 1 72 ? 10.161  -8.699  9.602   1.00 15.00 ? 364 ASP A C   1 
ATOM   589 O  O   . ASP A 1 72 ? 9.821   -9.535  8.779   1.00 15.39 ? 364 ASP A O   1 
ATOM   590 C  CB  . ASP A 1 72 ? 11.528  -9.325  11.569  1.00 15.46 ? 364 ASP A CB  1 
ATOM   591 C  CG  . ASP A 1 72 ? 11.555  -9.564  13.043  1.00 15.01 ? 364 ASP A CG  1 
ATOM   592 O  OD1 . ASP A 1 72 ? 11.441  -8.566  13.788  1.00 17.03 ? 364 ASP A OD1 1 
ATOM   593 O  OD2 . ASP A 1 72 ? 11.592  -10.721 13.504  1.00 16.46 ? 364 ASP A OD2 1 
ATOM   594 N  N   . MET A 1 73 ? 10.605  -7.482  9.285   1.00 16.91 ? 365 MET A N   1 
ATOM   595 C  CA  . MET A 1 73 ? 10.847  -7.117  7.889   1.00 17.76 ? 365 MET A CA  1 
ATOM   596 C  C   . MET A 1 73 ? 11.653  -8.211  7.246   1.00 17.72 ? 365 MET A C   1 
ATOM   597 O  O   . MET A 1 73 ? 12.643  -8.686  7.839   1.00 17.38 ? 365 MET A O   1 
ATOM   598 C  CB  . MET A 1 73 ? 11.649  -5.837  7.803   1.00 19.50 ? 365 MET A CB  1 
ATOM   599 C  CG  . MET A 1 73 ? 10.873  -4.624  7.853   1.00 24.19 ? 365 MET A CG  1 
ATOM   600 S  SD  . MET A 1 73 ? 11.955  -3.277  7.207   1.00 27.26 ? 365 MET A SD  1 
ATOM   601 C  CE  . MET A 1 73 ? 10.846  -2.024  7.713   1.00 26.87 ? 365 MET A CE  1 
ATOM   602 N  N   . PRO A 1 74 ? 11.249  -8.679  6.075   1.00 16.51 ? 366 PRO A N   1 
ATOM   603 C  CA  . PRO A 1 74 ? 11.927  -9.826  5.478   1.00 17.25 ? 366 PRO A CA  1 
ATOM   604 C  C   . PRO A 1 74 ? 13.353  -9.506  5.036   1.00 18.04 ? 366 PRO A C   1 
ATOM   605 O  O   . PRO A 1 74 ? 13.695  -8.363  4.783   1.00 18.65 ? 366 PRO A O   1 
ATOM   606 C  CB  . PRO A 1 74 ? 11.040  -10.173 4.277   1.00 17.31 ? 366 PRO A CB  1 
ATOM   607 C  CG  . PRO A 1 74 ? 10.326  -8.884  3.927   1.00 15.38 ? 366 PRO A CG  1 
ATOM   608 C  CD  . PRO A 1 74 ? 10.076  -8.248  5.270   1.00 16.44 ? 366 PRO A CD  1 
ATOM   609 N  N   . PRO A 1 75 ? 14.180  -10.523 4.976   1.00 20.57 ? 367 PRO A N   1 
ATOM   610 C  CA  . PRO A 1 75 ? 15.554  -10.294 4.553   1.00 21.45 ? 367 PRO A CA  1 
ATOM   611 C  C   . PRO A 1 75 ? 15.635  -9.967  3.056   1.00 23.14 ? 367 PRO A C   1 
ATOM   612 O  O   . PRO A 1 75 ? 14.811  -10.399 2.249   1.00 21.07 ? 367 PRO A O   1 
ATOM   613 C  CB  . PRO A 1 75 ? 16.253  -11.621 4.881   1.00 21.59 ? 367 PRO A CB  1 
ATOM   614 C  CG  . PRO A 1 75 ? 15.252  -12.619 4.831   1.00 22.90 ? 367 PRO A CG  1 
ATOM   615 C  CD  . PRO A 1 75 ? 13.917  -11.953 5.200   1.00 20.73 ? 367 PRO A CD  1 
ATOM   616 N  N   . GLY A 1 76 ? 16.663  -9.190  2.719   1.00 24.84 ? 368 GLY A N   1 
ATOM   617 C  CA  . GLY A 1 76 ? 16.967  -8.817  1.348   1.00 26.89 ? 368 GLY A CA  1 
ATOM   618 C  C   . GLY A 1 76 ? 16.616  -7.374  1.104   1.00 28.51 ? 368 GLY A C   1 
ATOM   619 O  O   . GLY A 1 76 ? 16.917  -6.500  1.923   1.00 30.72 ? 368 GLY A O   1 
HETATM 620 ZN ZN  . ZN  B 2 .  ? 3.497   -9.240  7.225   1.00 16.13 ? 369 ZN  A ZN  1 
HETATM 621 C  C1  . SIN C 3 .  ? 8.472   -14.246 2.579   1.00 36.02 ? 401 SIN A C1  1 
HETATM 622 O  O1  . SIN C 3 .  ? 8.228   -13.039 2.482   1.00 35.64 ? 401 SIN A O1  1 
HETATM 623 O  O2  . SIN C 3 .  ? 8.951   -14.410 3.644   0.50 22.33 ? 401 SIN A O2  1 
HETATM 624 C  C2  . SIN C 3 .  ? 8.108   -15.146 1.395   1.00 33.11 ? 401 SIN A C2  1 
HETATM 625 C  C3  . SIN C 3 .  ? 7.629   -13.993 0.510   1.00 34.26 ? 401 SIN A C3  1 
HETATM 626 C  C4  . SIN C 3 .  ? 8.734   -13.035 0.239   1.00 34.18 ? 401 SIN A C4  1 
HETATM 627 O  O3  . SIN C 3 .  ? 8.428   -11.842 -0.202  1.00 35.13 ? 401 SIN A O3  1 
HETATM 628 O  O4  . SIN C 3 .  ? 9.973   -13.379 0.458   1.00 34.14 ? 401 SIN A O4  1 
HETATM 629 O  O   . HOH D 4 .  ? 1.881   -2.675  -8.838  1.00 40.05 ? 601 HOH A O   1 
HETATM 630 O  O   . HOH D 4 .  ? 6.737   -8.769  4.215   1.00 13.46 ? 602 HOH A O   1 
HETATM 631 O  O   . HOH D 4 .  ? 10.465  -12.660 12.028  1.00 15.32 ? 603 HOH A O   1 
HETATM 632 O  O   . HOH D 4 .  ? -4.832  4.463   0.668   1.00 19.56 ? 604 HOH A O   1 
HETATM 633 O  O   . HOH D 4 .  ? 10.678  -12.232 7.629   1.00 19.32 ? 605 HOH A O   1 
HETATM 634 O  O   . HOH D 4 .  ? 7.640   -6.278  11.624  1.00 20.65 ? 606 HOH A O   1 
HETATM 635 O  O   . HOH D 4 .  ? 4.606   -14.286 8.728   1.00 15.13 ? 607 HOH A O   1 
HETATM 636 O  O   . HOH D 4 .  ? 3.505   0.680   -2.842  1.00 21.90 ? 608 HOH A O   1 
HETATM 637 O  O   . HOH D 4 .  ? 2.921   -4.285  12.037  1.00 24.92 ? 609 HOH A O   1 
HETATM 638 O  O   . HOH D 4 .  ? 2.881   1.470   -0.176  1.00 16.67 ? 610 HOH A O   1 
HETATM 639 O  O   . HOH D 4 .  ? 10.604  -7.750  16.225  1.00 22.16 ? 611 HOH A O   1 
HETATM 640 O  O   . HOH D 4 .  ? 6.483   -15.346 13.085  1.00 21.39 ? 612 HOH A O   1 
HETATM 641 O  O   . HOH D 4 .  ? 0.850   -13.880 3.192   1.00 20.08 ? 613 HOH A O   1 
HETATM 642 O  O   . HOH D 4 .  ? -5.810  -5.029  0.768   1.00 20.11 ? 614 HOH A O   1 
HETATM 643 O  O   . HOH D 4 .  ? 2.710   -16.784 10.400  1.00 18.74 ? 615 HOH A O   1 
HETATM 644 O  O   . HOH D 4 .  ? -0.063  -11.140 -6.844  1.00 19.13 ? 616 HOH A O   1 
HETATM 645 O  O   . HOH D 4 .  ? 3.416   9.414   6.383   1.00 19.65 ? 617 HOH A O   1 
HETATM 646 O  O   . HOH D 4 .  ? 2.702   -16.231 1.689   1.00 22.63 ? 618 HOH A O   1 
HETATM 647 O  O   . HOH D 4 .  ? 8.727   -12.862 5.989   1.00 16.72 ? 619 HOH A O   1 
HETATM 648 O  O   . HOH D 4 .  ? -4.415  11.537  -8.857  1.00 20.97 ? 620 HOH A O   1 
HETATM 649 O  O   . HOH D 4 .  ? -0.164  -10.238 13.958  1.00 28.54 ? 621 HOH A O   1 
HETATM 650 O  O   . HOH D 4 .  ? -5.812  -1.664  4.293   1.00 19.37 ? 622 HOH A O   1 
HETATM 651 O  O   . HOH D 4 .  ? 5.489   -12.967 -3.699  1.00 27.02 ? 623 HOH A O   1 
HETATM 652 O  O   . HOH D 4 .  ? 7.573   -11.214 3.370   1.00 18.64 ? 624 HOH A O   1 
HETATM 653 O  O   . HOH D 4 .  ? 4.920   -1.580  -1.863  1.00 21.11 ? 625 HOH A O   1 
HETATM 654 O  O   . HOH D 4 .  ? 9.883   10.439  -7.170  1.00 24.08 ? 626 HOH A O   1 
HETATM 655 O  O   . HOH D 4 .  ? 7.673   -2.550  -0.204  1.00 20.71 ? 627 HOH A O   1 
HETATM 656 O  O   . HOH D 4 .  ? 4.425   -17.944 0.657   1.00 19.47 ? 628 HOH A O   1 
HETATM 657 O  O   . HOH D 4 .  ? -3.523  -7.930  13.025  1.00 22.42 ? 629 HOH A O   1 
HETATM 658 O  O   . HOH D 4 .  ? -0.577  18.547  0.505   1.00 22.76 ? 630 HOH A O   1 
HETATM 659 O  O   . HOH D 4 .  ? 1.683   0.546   -4.830  1.00 20.59 ? 631 HOH A O   1 
HETATM 660 O  O   . HOH D 4 .  ? 11.016  -5.570  11.457  1.00 31.45 ? 632 HOH A O   1 
HETATM 661 O  O   . HOH D 4 .  ? -0.601  8.990   -16.802 1.00 19.96 ? 633 HOH A O   1 
HETATM 662 O  O   . HOH D 4 .  ? -10.027 -6.987  0.935   1.00 26.44 ? 634 HOH A O   1 
HETATM 663 O  O   . HOH D 4 .  ? 6.653   -6.076  -2.641  1.00 23.32 ? 635 HOH A O   1 
HETATM 664 O  O   . HOH D 4 .  ? -7.122  9.601   -4.337  1.00 23.86 ? 636 HOH A O   1 
HETATM 665 O  O   . HOH D 4 .  ? -10.623 7.413   -11.507 1.00 19.12 ? 637 HOH A O   1 
HETATM 666 O  O   . HOH D 4 .  ? 1.799   6.757   9.964   1.00 44.30 ? 638 HOH A O   1 
HETATM 667 O  O   . HOH D 4 .  ? 4.490   17.233  1.821   1.00 24.58 ? 639 HOH A O   1 
HETATM 668 O  O   . HOH D 4 .  ? 2.526   5.866   0.778   1.00 20.05 ? 640 HOH A O   1 
HETATM 669 O  O   . HOH D 4 .  ? 2.236   -8.015  -6.646  1.00 25.55 ? 641 HOH A O   1 
HETATM 670 O  O   . HOH D 4 .  ? -2.329  1.977   -7.439  1.00 33.14 ? 642 HOH A O   1 
HETATM 671 O  O   . HOH D 4 .  ? 13.157  -6.118  3.402   1.00 23.28 ? 643 HOH A O   1 
HETATM 672 O  O   . HOH D 4 .  ? 10.466  -4.452  0.243   1.00 27.17 ? 644 HOH A O   1 
HETATM 673 O  O   . HOH D 4 .  ? 1.806   -19.657 7.617   1.00 23.96 ? 645 HOH A O   1 
HETATM 674 O  O   . HOH D 4 .  ? -6.781  9.065   -0.284  1.00 32.48 ? 646 HOH A O   1 
HETATM 675 O  O   . HOH D 4 .  ? -1.663  -1.574  10.296  1.00 27.61 ? 647 HOH A O   1 
HETATM 676 O  O   . HOH D 4 .  ? -4.102  20.381  -2.055  1.00 31.58 ? 648 HOH A O   1 
HETATM 677 O  O   . HOH D 4 .  ? -8.012  -0.982  5.651   1.00 35.74 ? 649 HOH A O   1 
HETATM 678 O  O   . HOH D 4 .  ? -0.759  -17.038 4.666   1.00 23.73 ? 650 HOH A O   1 
HETATM 679 O  O   . HOH D 4 .  ? -3.550  5.453   -7.820  1.00 25.94 ? 651 HOH A O   1 
HETATM 680 O  O   . HOH D 4 .  ? -7.100  3.809   -14.220 1.00 26.84 ? 652 HOH A O   1 
HETATM 681 O  O   . HOH D 4 .  ? -11.084 2.658   -4.449  1.00 35.66 ? 653 HOH A O   1 
HETATM 682 O  O   . HOH D 4 .  ? 5.217   1.868   6.068   1.00 32.98 ? 654 HOH A O   1 
HETATM 683 O  O   . HOH D 4 .  ? -6.001  13.617  -9.746  1.00 28.63 ? 655 HOH A O   1 
HETATM 684 O  O   . HOH D 4 .  ? -6.762  6.277   0.330   1.00 34.19 ? 656 HOH A O   1 
HETATM 685 O  O   . HOH D 4 .  ? 8.463   5.400   -4.714  1.00 28.31 ? 657 HOH A O   1 
HETATM 686 O  O   . HOH D 4 .  ? 3.723   -2.539  6.976   1.00 23.80 ? 658 HOH A O   1 
HETATM 687 O  O   . HOH D 4 .  ? 3.557   5.058   10.567  1.00 44.51 ? 659 HOH A O   1 
HETATM 688 O  O   . HOH D 4 .  ? -6.782  -2.997  2.079   1.00 24.14 ? 660 HOH A O   1 
HETATM 689 O  O   . HOH D 4 .  ? -9.357  5.473   -10.897 1.00 21.96 ? 661 HOH A O   1 
HETATM 690 O  O   . HOH D 4 .  ? -3.246  17.863  0.365   1.00 20.53 ? 662 HOH A O   1 
HETATM 691 O  O   . HOH D 4 .  ? 1.660   21.738  -4.519  1.00 25.17 ? 663 HOH A O   1 
HETATM 692 O  O   . HOH D 4 .  ? 8.263   -2.811  -2.810  1.00 32.22 ? 664 HOH A O   1 
HETATM 693 O  O   . HOH D 4 .  ? -9.269  3.202   -12.511 1.00 27.71 ? 665 HOH A O   1 
HETATM 694 O  O   . HOH D 4 .  ? 12.566  -6.409  0.856   1.00 25.59 ? 666 HOH A O   1 
HETATM 695 O  O   . HOH D 4 .  ? 0.158   7.270   -10.436 1.00 31.20 ? 667 HOH A O   1 
HETATM 696 O  O   . HOH D 4 .  ? 6.948   -11.384 -2.400  1.00 28.34 ? 668 HOH A O   1 
HETATM 697 O  O   . HOH D 4 .  ? 3.079   7.944   8.895   1.00 31.64 ? 669 HOH A O   1 
HETATM 698 O  O   . HOH D 4 .  ? 1.716   -10.617 15.908  1.00 33.73 ? 670 HOH A O   1 
HETATM 699 O  O   . HOH D 4 .  ? 2.773   -3.308  -7.247  1.00 29.28 ? 671 HOH A O   1 
HETATM 700 O  O   . HOH D 4 .  ? 5.687   -3.693  -3.368  1.00 26.56 ? 672 HOH A O   1 
HETATM 701 O  O   . HOH D 4 .  ? -8.828  6.837   -15.494 1.00 36.92 ? 673 HOH A O   1 
HETATM 702 O  O   . HOH D 4 .  ? 6.050   -15.123 0.275   1.00 35.06 ? 674 HOH A O   1 
HETATM 703 O  O   . HOH D 4 .  ? -4.469  -5.701  14.379  1.00 34.92 ? 675 HOH A O   1 
HETATM 704 O  O   . HOH D 4 .  ? -1.310  -12.629 13.877  1.00 32.82 ? 676 HOH A O   1 
HETATM 705 O  O   . HOH D 4 .  ? 4.459   2.978   2.184   1.00 31.11 ? 677 HOH A O   1 
HETATM 706 O  O   . HOH D 4 .  ? -7.067  5.834   3.749   1.00 32.20 ? 678 HOH A O   1 
HETATM 707 O  O   . HOH D 4 .  ? 6.928   6.778   2.753   1.00 27.36 ? 679 HOH A O   1 
HETATM 708 O  O   . HOH D 4 .  ? -11.448 9.628   -12.115 1.00 32.04 ? 680 HOH A O   1 
HETATM 709 O  O   . HOH D 4 .  ? 11.038  3.289   -2.696  1.00 37.00 ? 681 HOH A O   1 
HETATM 710 O  O   . HOH D 4 .  ? 4.148   -6.615  -5.302  1.00 40.55 ? 682 HOH A O   1 
HETATM 711 O  O   . HOH D 4 .  ? -1.288  -14.513 4.892   1.00 24.05 ? 683 HOH A O   1 
HETATM 712 O  O   . HOH D 4 .  ? 2.276   -15.833 14.072  1.00 32.12 ? 684 HOH A O   1 
HETATM 713 O  O   . HOH D 4 .  ? -5.737  -9.022  11.997  1.00 30.34 ? 685 HOH A O   1 
HETATM 714 O  O   . HOH D 4 .  ? -5.577  14.436  -12.740 1.00 37.60 ? 686 HOH A O   1 
HETATM 715 O  O   . HOH D 4 .  ? -9.058  -9.168  -8.262  1.00 33.81 ? 687 HOH A O   1 
HETATM 716 O  O   . HOH D 4 .  ? -9.115  10.987  -5.329  1.00 33.88 ? 688 HOH A O   1 
HETATM 717 O  O   . HOH D 4 .  ? 6.702   3.950   3.421   1.00 29.96 ? 689 HOH A O   1 
HETATM 718 O  O   . HOH D 4 .  ? 4.810   -4.201  -5.906  1.00 26.06 ? 690 HOH A O   1 
HETATM 719 O  O   . HOH D 4 .  ? -10.194 15.462  -5.103  1.00 38.38 ? 691 HOH A O   1 
HETATM 720 O  O   . HOH D 4 .  ? 10.467  10.953  -3.865  1.00 33.32 ? 692 HOH A O   1 
HETATM 721 O  O   . HOH D 4 .  ? -4.744  5.947   10.458  1.00 32.66 ? 693 HOH A O   1 
HETATM 722 O  O   . HOH D 4 .  ? -9.401  -3.580  2.315   1.00 37.11 ? 695 HOH A O   1 
HETATM 723 O  O   . HOH D 4 .  ? -11.628 -0.613  0.456   1.00 46.25 ? 696 HOH A O   1 
HETATM 724 O  O   . HOH D 4 .  ? -0.416  -14.629 12.595  1.00 32.14 ? 697 HOH A O   1 
HETATM 725 O  O   . HOH D 4 .  ? -5.347  6.740   -7.509  1.00 27.24 ? 698 HOH A O   1 
HETATM 726 O  O   . HOH D 4 .  ? -9.716  -6.345  -8.974  1.00 32.01 ? 699 HOH A O   1 
HETATM 727 O  O   . HOH D 4 .  ? 10.351  8.734   -5.537  1.00 36.33 ? 700 HOH A O   1 
# 
